data_1BHG
#
_entry.id   1BHG
#
_cell.length_a   95.100
_cell.length_b   124.400
_cell.length_c   134.500
_cell.angle_alpha   90.00
_cell.angle_beta   90.00
_cell.angle_gamma   90.00
#
_symmetry.space_group_name_H-M   'P 21 21 2'
#
loop_
_entity.id
_entity.type
_entity.pdbx_description
1 polymer BETA-GLUCURONIDASE
2 branched alpha-D-mannopyranose-(1-2)-alpha-D-mannopyranose-(1-6)-[alpha-D-mannopyranose-(1-3)]alpha-D-mannopyranose-(1-6)-[alpha-D-mannopyranose-(1-2)-alpha-D-mannopyranose-(1-3)]beta-D-mannopyranose-(1-4)-2-acetamido-2-deoxy-beta-D-glucopyranose-(1-4)-2-acetamido-2-deoxy-beta-D-glucopyranose
#
_entity_poly.entity_id   1
_entity_poly.type   'polypeptide(L)'
_entity_poly.pdbx_seq_one_letter_code
;LGLQGGMLYPQESPSRECKELDGLWSFRADFSDNRRRGFEEQWYRRPLWESGPTVDMPVPSSFNDISQDWRLRHFVGWVW
YEREVILPERWTQDLRTRVVLRIGSAHSYAIVWVNGVDTLEHEGGYLPFEADISNLVQVGPLPSRLRITIAINNTLTPTT
LPPGTIQYLTDTSKYPKGYFVQNTYFDFFNYAGLQRSVLLYTTPTTYIDDITVTTSVEQDSGLVNYQISVKGSNLFKLEV
RLLDAENKVVANGTGTQGQLKVPGVSLWWPYLMHERPAYLYSLEVQLTAQTSLGPVSDFYTLPVGIRTVAVTKSQFLING
KPFYFHGVNKHEDADIRGKGFDWPLLVKDFNLLRWLGANAFRTSHYPYAEEVMQMCDRYGIVVIDECPGVGLALPQFFNN
VSLHHHMQVMEEVVRRDKNHPAVVMWSVANEPASHLESAGYYLKMVIAHTKSLDPSRPVTFVSNSNYAADKGAPYVDVIC
LNSYYSWYHDYGHLELIQLQLATQFENWYKKYQKPIIQSEYGAETIAGFHQDPPLMFTEEYQKSLLEQYHLGLDQKRRKY
VVGELIWNFADFMTEQSPTRVLGNKKGIFTRQRQPKSAAFLLRERYWKIANET
;
_entity_poly.pdbx_strand_id   A,B
#
# COMPACT_ATOMS: atom_id res chain seq x y z
N GLY A 2 -10.56 -29.86 39.07
CA GLY A 2 -11.74 -29.53 38.30
C GLY A 2 -12.87 -29.03 39.20
N LEU A 3 -13.46 -27.89 38.81
CA LEU A 3 -14.54 -27.26 39.57
C LEU A 3 -15.83 -28.07 39.55
N GLN A 4 -16.63 -27.93 40.60
CA GLN A 4 -17.87 -28.68 40.75
C GLN A 4 -18.87 -28.44 39.61
N GLY A 5 -18.76 -29.27 38.56
CA GLY A 5 -19.64 -29.18 37.41
C GLY A 5 -19.00 -29.97 36.29
N GLY A 6 -19.41 -29.71 35.06
CA GLY A 6 -18.87 -30.39 33.89
C GLY A 6 -19.24 -29.58 32.65
N MET A 7 -18.45 -29.69 31.58
CA MET A 7 -18.71 -28.94 30.37
C MET A 7 -18.28 -29.76 29.14
N LEU A 8 -19.18 -29.87 28.16
CA LEU A 8 -18.91 -30.56 26.88
C LEU A 8 -19.74 -29.71 25.91
N TYR A 9 -19.30 -29.59 24.67
CA TYR A 9 -19.99 -28.74 23.70
C TYR A 9 -21.25 -29.37 23.12
N PRO A 10 -22.41 -28.66 23.21
CA PRO A 10 -23.68 -29.15 22.69
C PRO A 10 -23.63 -29.57 21.22
N GLN A 11 -23.60 -30.87 20.98
CA GLN A 11 -23.60 -31.37 19.63
C GLN A 11 -24.58 -32.53 19.59
N GLU A 12 -25.74 -32.26 19.01
CA GLU A 12 -26.84 -33.25 18.88
C GLU A 12 -26.52 -34.60 18.33
N SER A 13 -27.45 -35.50 18.64
CA SER A 13 -27.38 -36.91 18.28
C SER A 13 -28.66 -37.43 18.98
N PRO A 14 -28.68 -38.68 19.51
CA PRO A 14 -29.92 -39.09 20.18
C PRO A 14 -30.11 -38.26 21.48
N SER A 15 -30.56 -37.01 21.29
CA SER A 15 -30.78 -35.93 22.28
C SER A 15 -30.17 -34.59 21.79
N ARG A 16 -30.97 -33.83 21.03
CA ARG A 16 -30.67 -32.56 20.34
C ARG A 16 -30.51 -31.17 21.01
N GLU A 17 -30.48 -30.13 20.17
CA GLU A 17 -30.35 -28.75 20.60
C GLU A 17 -30.98 -27.69 19.69
N CYS A 18 -31.81 -26.87 20.33
CA CYS A 18 -32.50 -25.76 19.69
C CYS A 18 -31.47 -24.64 19.77
N LYS A 19 -31.72 -23.49 19.18
CA LYS A 19 -30.74 -22.43 19.27
C LYS A 19 -31.19 -21.07 18.87
N GLU A 20 -31.20 -20.15 19.83
CA GLU A 20 -31.58 -18.78 19.52
C GLU A 20 -30.25 -18.07 19.46
N LEU A 21 -29.21 -18.91 19.37
CA LEU A 21 -27.79 -18.56 19.31
C LEU A 21 -27.50 -17.47 18.30
N ASP A 22 -28.55 -17.22 17.49
CA ASP A 22 -28.63 -16.20 16.46
C ASP A 22 -30.07 -15.64 16.51
N GLY A 23 -30.26 -14.40 16.04
CA GLY A 23 -31.59 -13.83 16.03
C GLY A 23 -31.64 -12.41 16.55
N LEU A 24 -32.83 -11.81 16.56
CA LEU A 24 -32.98 -10.44 17.05
C LEU A 24 -33.41 -10.57 18.49
N TRP A 25 -33.21 -9.53 19.30
CA TRP A 25 -33.56 -9.58 20.72
C TRP A 25 -33.95 -8.26 21.31
N SER A 26 -34.89 -8.27 22.24
CA SER A 26 -35.21 -6.99 22.86
C SER A 26 -34.03 -6.59 23.75
N PHE A 27 -33.74 -5.30 23.80
CA PHE A 27 -32.57 -4.81 24.52
C PHE A 27 -32.79 -3.48 25.20
N ARG A 28 -31.93 -3.19 26.17
CA ARG A 28 -32.00 -1.95 26.92
C ARG A 28 -30.76 -1.74 27.80
N ALA A 29 -30.30 -0.50 27.85
CA ALA A 29 -29.18 -0.16 28.68
C ALA A 29 -29.87 0.60 29.80
N ASP A 30 -29.29 0.50 31.00
CA ASP A 30 -29.84 1.13 32.19
C ASP A 30 -28.85 2.13 32.80
N PHE A 31 -29.18 3.42 32.68
CA PHE A 31 -28.33 4.45 33.27
C PHE A 31 -28.90 5.83 33.35
N SER A 32 -28.28 6.63 34.23
CA SER A 32 -28.61 8.04 34.51
C SER A 32 -27.91 8.35 35.86
N ASP A 33 -27.64 7.30 36.65
CA ASP A 33 -26.93 7.48 37.90
C ASP A 33 -26.47 6.21 38.60
N ASN A 34 -27.32 5.64 39.44
CA ASN A 34 -26.92 4.45 40.16
C ASN A 34 -26.95 3.17 39.31
N ARG A 35 -26.94 2.03 40.00
CA ARG A 35 -27.07 0.71 39.37
C ARG A 35 -28.35 0.84 38.55
N ARG A 36 -29.17 1.77 39.06
CA ARG A 36 -30.43 2.21 38.55
C ARG A 36 -31.57 1.21 38.78
N ARG A 37 -32.75 1.65 38.35
CA ARG A 37 -34.01 0.96 38.46
C ARG A 37 -34.07 -0.47 37.89
N GLY A 38 -33.07 -0.86 37.10
CA GLY A 38 -33.02 -2.19 36.51
C GLY A 38 -33.43 -3.23 37.52
N PHE A 39 -33.07 -2.96 38.77
CA PHE A 39 -33.39 -3.85 39.87
C PHE A 39 -34.39 -3.20 40.86
N GLU A 40 -34.39 -1.89 40.96
CA GLU A 40 -35.29 -1.22 41.90
C GLU A 40 -36.73 -1.24 41.44
N GLU A 41 -36.92 -1.68 40.20
CA GLU A 41 -38.24 -1.82 39.57
C GLU A 41 -38.39 -3.29 39.21
N GLN A 42 -37.30 -4.04 39.37
CA GLN A 42 -37.26 -5.46 39.08
C GLN A 42 -37.75 -5.73 37.67
N TRP A 43 -37.14 -5.07 36.68
CA TRP A 43 -37.52 -5.29 35.30
C TRP A 43 -37.71 -6.78 34.94
N TYR A 44 -36.93 -7.66 35.56
CA TYR A 44 -37.02 -9.08 35.29
C TYR A 44 -38.36 -9.74 35.45
N ARG A 45 -39.23 -9.20 36.29
CA ARG A 45 -40.55 -9.81 36.54
C ARG A 45 -41.67 -9.32 35.63
N ARG A 46 -41.34 -8.92 34.41
CA ARG A 46 -42.34 -8.43 33.46
C ARG A 46 -41.71 -7.85 32.20
N PRO A 47 -42.06 -8.44 31.03
CA PRO A 47 -41.62 -8.11 29.66
C PRO A 47 -40.94 -6.71 29.52
N LEU A 48 -39.65 -6.71 29.17
CA LEU A 48 -38.93 -5.45 29.02
C LEU A 48 -39.72 -4.33 28.40
N TRP A 49 -40.52 -4.63 27.39
CA TRP A 49 -41.26 -3.56 26.76
C TRP A 49 -42.07 -2.74 27.74
N GLU A 50 -42.72 -3.45 28.67
CA GLU A 50 -43.56 -2.85 29.69
C GLU A 50 -42.75 -1.89 30.55
N SER A 51 -41.51 -2.25 30.87
CA SER A 51 -40.63 -1.40 31.70
C SER A 51 -40.36 -0.01 31.11
N GLY A 52 -40.03 0.03 29.84
CA GLY A 52 -39.73 1.28 29.18
C GLY A 52 -39.20 0.97 27.80
N PRO A 53 -38.90 2.02 27.04
CA PRO A 53 -38.39 2.06 25.66
C PRO A 53 -37.32 1.07 25.27
N THR A 54 -37.72 -0.06 24.74
CA THR A 54 -36.76 -1.08 24.32
C THR A 54 -36.17 -0.89 22.91
N VAL A 55 -35.18 -1.71 22.57
CA VAL A 55 -34.49 -1.66 21.27
C VAL A 55 -34.14 -3.08 20.80
N ASP A 56 -33.78 -3.25 19.53
CA ASP A 56 -33.42 -4.57 19.00
C ASP A 56 -31.95 -4.86 19.10
N MET A 57 -31.61 -6.12 19.32
CA MET A 57 -30.23 -6.53 19.38
C MET A 57 -29.93 -7.90 18.82
N PRO A 58 -28.95 -8.00 17.91
CA PRO A 58 -28.62 -9.29 17.34
C PRO A 58 -27.66 -10.09 18.22
N VAL A 59 -27.69 -11.40 18.06
CA VAL A 59 -26.84 -12.29 18.82
C VAL A 59 -26.33 -13.37 17.87
N PRO A 60 -25.00 -13.60 17.84
CA PRO A 60 -23.91 -12.99 18.59
C PRO A 60 -23.40 -11.64 18.07
N SER A 61 -23.32 -10.64 18.95
CA SER A 61 -22.82 -9.33 18.56
C SER A 61 -22.72 -8.36 19.71
N SER A 62 -21.60 -7.63 19.76
CA SER A 62 -21.40 -6.64 20.80
C SER A 62 -22.40 -5.56 20.44
N PHE A 63 -22.97 -4.92 21.44
CA PHE A 63 -23.93 -3.83 21.21
C PHE A 63 -23.23 -2.49 20.95
N ASN A 64 -21.94 -2.45 21.25
CA ASN A 64 -21.11 -1.26 21.11
C ASN A 64 -21.25 -0.54 19.78
N ASP A 65 -20.97 -1.25 18.68
CA ASP A 65 -21.01 -0.63 17.35
C ASP A 65 -22.27 -0.70 16.49
N ILE A 66 -23.24 -1.55 16.81
CA ILE A 66 -24.43 -1.62 15.96
C ILE A 66 -25.43 -0.47 16.06
N SER A 67 -25.10 0.55 16.86
CA SER A 67 -25.97 1.69 17.04
C SER A 67 -25.29 2.98 16.60
N GLN A 68 -26.01 4.10 16.64
CA GLN A 68 -25.44 5.37 16.24
C GLN A 68 -25.17 6.30 17.42
N ASP A 69 -25.58 5.86 18.62
CA ASP A 69 -25.44 6.61 19.88
C ASP A 69 -24.13 6.31 20.62
N TRP A 70 -23.37 7.38 20.86
CA TRP A 70 -22.07 7.28 21.52
C TRP A 70 -22.12 6.84 23.01
N ARG A 71 -23.21 7.15 23.71
CA ARG A 71 -23.28 6.77 25.10
C ARG A 71 -23.55 5.27 25.26
N LEU A 72 -24.10 4.62 24.24
CA LEU A 72 -24.32 3.17 24.33
C LEU A 72 -22.96 2.56 24.00
N ARG A 73 -22.23 3.19 23.08
CA ARG A 73 -20.93 2.69 22.68
C ARG A 73 -20.03 2.64 23.85
N HIS A 74 -20.00 3.75 24.59
CA HIS A 74 -19.14 3.90 25.79
C HIS A 74 -19.86 3.76 27.14
N PHE A 75 -20.83 2.84 27.23
CA PHE A 75 -21.61 2.60 28.44
C PHE A 75 -20.86 1.71 29.41
N VAL A 76 -21.17 1.86 30.71
CA VAL A 76 -20.61 1.08 31.83
C VAL A 76 -21.73 0.90 32.84
N GLY A 77 -22.15 -0.36 33.05
CA GLY A 77 -23.26 -0.60 33.94
C GLY A 77 -23.99 -1.88 33.61
N TRP A 78 -25.28 -1.93 33.90
CA TRP A 78 -26.09 -3.13 33.61
C TRP A 78 -26.77 -3.03 32.22
N VAL A 79 -26.76 -4.13 31.46
CA VAL A 79 -27.42 -4.14 30.17
C VAL A 79 -28.30 -5.40 30.02
N TRP A 80 -29.52 -5.18 29.52
CA TRP A 80 -30.53 -6.21 29.39
C TRP A 80 -30.84 -6.79 28.03
N TYR A 81 -31.31 -8.01 28.05
CA TYR A 81 -31.71 -8.73 26.87
C TYR A 81 -33.01 -9.44 27.22
N GLU A 82 -33.65 -10.03 26.21
CA GLU A 82 -34.89 -10.79 26.38
C GLU A 82 -35.31 -11.45 25.05
N ARG A 83 -35.87 -12.67 25.15
CA ARG A 83 -36.35 -13.44 24.00
C ARG A 83 -37.50 -14.38 24.44
N GLU A 84 -38.48 -14.61 23.58
CA GLU A 84 -39.61 -15.48 23.92
C GLU A 84 -39.67 -16.74 23.05
N VAL A 85 -39.06 -17.80 23.55
CA VAL A 85 -39.02 -19.05 22.83
C VAL A 85 -40.34 -19.84 22.96
N ILE A 86 -40.60 -20.67 21.95
CA ILE A 86 -41.76 -21.56 21.85
C ILE A 86 -41.20 -22.96 22.10
N LEU A 87 -41.49 -23.48 23.27
CA LEU A 87 -41.02 -24.80 23.64
C LEU A 87 -41.83 -25.88 22.95
N PRO A 88 -41.11 -26.86 22.39
CA PRO A 88 -41.81 -27.96 21.74
C PRO A 88 -42.71 -28.54 22.83
N GLU A 89 -43.74 -29.29 22.42
CA GLU A 89 -44.67 -29.94 23.36
C GLU A 89 -43.91 -31.08 24.03
N ARG A 90 -43.16 -31.83 23.22
CA ARG A 90 -42.38 -32.94 23.73
C ARG A 90 -41.32 -32.44 24.69
N TRP A 91 -40.94 -31.18 24.53
CA TRP A 91 -39.96 -30.49 25.37
C TRP A 91 -40.54 -30.62 26.78
N THR A 92 -41.69 -29.99 26.98
CA THR A 92 -42.34 -29.96 28.27
C THR A 92 -43.28 -31.07 28.71
N GLN A 93 -43.15 -32.29 28.18
CA GLN A 93 -44.08 -33.36 28.61
C GLN A 93 -43.53 -34.75 28.42
N ASP A 94 -42.28 -34.96 28.83
CA ASP A 94 -41.69 -36.27 28.68
C ASP A 94 -40.78 -36.75 29.80
N LEU A 95 -40.52 -35.89 30.79
CA LEU A 95 -39.72 -36.24 31.95
C LEU A 95 -38.43 -37.03 31.82
N ARG A 96 -38.05 -37.42 30.62
CA ARG A 96 -36.80 -38.16 30.43
C ARG A 96 -35.82 -37.16 29.86
N THR A 97 -36.38 -36.12 29.26
CA THR A 97 -35.58 -35.10 28.64
C THR A 97 -35.09 -34.12 29.69
N ARG A 98 -33.85 -33.68 29.49
CA ARG A 98 -33.14 -32.73 30.34
C ARG A 98 -32.92 -31.48 29.49
N VAL A 99 -33.64 -30.41 29.76
CA VAL A 99 -33.52 -29.16 28.98
C VAL A 99 -32.64 -28.05 29.60
N VAL A 100 -31.39 -28.00 29.17
CA VAL A 100 -30.36 -27.04 29.66
C VAL A 100 -30.14 -25.73 28.88
N LEU A 101 -30.28 -24.57 29.51
CA LEU A 101 -30.03 -23.30 28.80
C LEU A 101 -28.55 -22.95 28.85
N ARG A 102 -27.97 -22.69 27.68
CA ARG A 102 -26.55 -22.40 27.66
C ARG A 102 -26.21 -21.07 27.00
N ILE A 103 -25.17 -20.42 27.51
CA ILE A 103 -24.71 -19.14 26.99
C ILE A 103 -23.24 -19.35 26.68
N GLY A 104 -22.78 -18.84 25.55
CA GLY A 104 -21.40 -19.07 25.15
C GLY A 104 -20.47 -18.14 25.86
N SER A 105 -21.05 -17.05 26.37
CA SER A 105 -20.27 -16.06 27.09
C SER A 105 -21.16 -14.84 27.37
N ALA A 106 -20.91 -14.15 28.49
CA ALA A 106 -21.62 -12.91 28.85
C ALA A 106 -20.53 -11.84 29.07
N HIS A 107 -20.55 -11.13 30.19
CA HIS A 107 -19.46 -10.18 30.45
C HIS A 107 -18.85 -10.36 31.86
N SER A 108 -18.73 -9.28 32.63
CA SER A 108 -18.19 -9.35 33.98
C SER A 108 -19.26 -9.90 34.94
N TYR A 109 -20.53 -9.80 34.55
CA TYR A 109 -21.57 -10.39 35.34
C TYR A 109 -22.89 -10.58 34.59
N ALA A 110 -23.40 -11.81 34.61
CA ALA A 110 -24.67 -12.11 33.94
C ALA A 110 -25.72 -12.70 34.86
N ILE A 111 -26.95 -12.19 34.77
CA ILE A 111 -28.05 -12.77 35.55
C ILE A 111 -29.21 -13.21 34.61
N VAL A 112 -29.38 -14.53 34.50
CA VAL A 112 -30.40 -15.13 33.66
C VAL A 112 -31.64 -15.46 34.47
N TRP A 113 -32.77 -14.91 34.04
CA TRP A 113 -34.06 -15.10 34.67
C TRP A 113 -34.96 -15.86 33.69
N VAL A 114 -34.99 -17.18 33.83
CA VAL A 114 -35.73 -18.09 32.96
C VAL A 114 -36.93 -18.74 33.64
N ASN A 115 -36.62 -19.85 34.35
CA ASN A 115 -37.54 -20.75 35.08
C ASN A 115 -38.34 -20.12 36.22
N GLY A 116 -39.10 -19.08 35.87
CA GLY A 116 -39.90 -18.33 36.81
C GLY A 116 -39.00 -17.80 37.91
N VAL A 117 -37.84 -17.22 37.54
CA VAL A 117 -36.91 -16.70 38.55
C VAL A 117 -35.47 -16.62 38.05
N ASP A 118 -34.57 -16.26 38.95
CA ASP A 118 -33.12 -16.20 38.72
C ASP A 118 -32.68 -17.66 38.53
N THR A 119 -32.21 -18.01 37.37
CA THR A 119 -31.80 -19.39 37.17
C THR A 119 -30.27 -19.52 37.08
N LEU A 120 -29.57 -18.42 36.72
CA LEU A 120 -28.12 -18.49 36.55
C LEU A 120 -27.40 -17.13 36.74
N GLU A 121 -26.14 -17.21 37.12
CA GLU A 121 -25.29 -16.05 37.32
C GLU A 121 -23.92 -16.58 36.99
N HIS A 122 -23.04 -15.69 36.54
CA HIS A 122 -21.66 -16.05 36.20
C HIS A 122 -20.78 -14.78 36.33
N GLU A 123 -19.56 -14.98 36.80
CA GLU A 123 -18.59 -13.90 36.95
C GLU A 123 -17.50 -13.87 35.85
N GLY A 124 -17.48 -12.73 35.17
CA GLY A 124 -16.53 -12.45 34.13
C GLY A 124 -16.21 -13.53 33.13
N GLY A 125 -14.94 -13.59 32.77
CA GLY A 125 -14.47 -14.56 31.82
C GLY A 125 -15.08 -14.36 30.41
N TYR A 126 -14.48 -15.09 29.48
CA TYR A 126 -14.86 -15.11 28.10
C TYR A 126 -15.26 -16.59 27.98
N LEU A 127 -16.06 -17.08 28.92
CA LEU A 127 -16.45 -18.49 28.92
C LEU A 127 -17.97 -18.71 29.09
N PRO A 128 -18.44 -19.95 28.86
CA PRO A 128 -19.87 -20.31 28.98
C PRO A 128 -20.40 -20.86 30.29
N PHE A 129 -21.73 -20.77 30.44
CA PHE A 129 -22.38 -21.28 31.62
C PHE A 129 -23.76 -21.89 31.29
N GLU A 130 -24.08 -23.05 31.88
CA GLU A 130 -25.36 -23.76 31.66
C GLU A 130 -26.22 -23.88 32.94
N ALA A 131 -27.55 -23.86 32.77
CA ALA A 131 -28.57 -23.95 33.83
C ALA A 131 -29.61 -25.04 33.56
N ASP A 132 -30.58 -25.10 34.47
CA ASP A 132 -31.73 -26.00 34.48
C ASP A 132 -31.33 -27.44 34.28
N ILE A 133 -32.24 -28.35 34.62
CA ILE A 133 -32.02 -29.75 34.40
C ILE A 133 -33.13 -30.25 33.50
N SER A 134 -34.36 -29.78 33.73
CA SER A 134 -35.52 -30.17 32.91
C SER A 134 -36.58 -29.16 33.25
N ASN A 135 -36.81 -28.98 34.54
CA ASN A 135 -37.74 -28.07 35.14
C ASN A 135 -37.99 -26.80 34.24
N LEU A 136 -39.10 -26.84 33.53
CA LEU A 136 -39.40 -25.77 32.64
C LEU A 136 -40.71 -25.06 33.04
N VAL A 137 -40.89 -25.05 34.37
CA VAL A 137 -42.04 -24.49 35.06
C VAL A 137 -43.32 -25.18 34.55
N GLN A 138 -43.27 -26.50 34.49
CA GLN A 138 -44.42 -27.27 34.07
C GLN A 138 -45.47 -27.03 35.14
N VAL A 139 -45.04 -26.72 36.37
CA VAL A 139 -45.96 -26.45 37.48
C VAL A 139 -46.74 -25.17 37.26
N GLY A 140 -47.95 -25.33 36.72
CA GLY A 140 -48.83 -24.21 36.42
C GLY A 140 -48.45 -23.26 35.27
N PRO A 141 -48.46 -23.75 34.01
CA PRO A 141 -48.13 -22.98 32.81
C PRO A 141 -49.13 -23.06 31.63
N LEU A 142 -49.01 -24.17 30.87
CA LEU A 142 -49.80 -24.55 29.71
C LEU A 142 -49.12 -24.34 28.35
N PRO A 143 -49.22 -23.12 27.73
CA PRO A 143 -48.56 -22.91 26.42
C PRO A 143 -47.07 -22.63 26.56
N SER A 144 -46.25 -23.67 26.40
CA SER A 144 -44.80 -23.54 26.55
C SER A 144 -44.13 -22.39 25.77
N ARG A 145 -43.98 -21.26 26.45
CA ARG A 145 -43.33 -20.08 25.90
C ARG A 145 -42.35 -19.59 26.97
N LEU A 146 -41.09 -19.96 26.77
CA LEU A 146 -40.01 -19.61 27.68
C LEU A 146 -39.61 -18.16 27.46
N ARG A 147 -39.63 -17.36 28.52
CA ARG A 147 -39.23 -15.98 28.45
C ARG A 147 -37.83 -15.83 29.09
N ILE A 148 -36.81 -15.58 28.28
CA ILE A 148 -35.50 -15.42 28.85
C ILE A 148 -35.12 -13.94 29.00
N THR A 149 -34.43 -13.63 30.10
CA THR A 149 -33.93 -12.30 30.46
C THR A 149 -32.49 -12.51 30.96
N ILE A 150 -31.61 -11.58 30.59
CA ILE A 150 -30.21 -11.65 30.98
C ILE A 150 -29.79 -10.21 31.21
N ALA A 151 -29.02 -9.98 32.27
CA ALA A 151 -28.53 -8.65 32.58
C ALA A 151 -27.03 -8.83 32.56
N ILE A 152 -26.29 -7.83 32.05
CA ILE A 152 -24.82 -7.88 31.96
C ILE A 152 -24.10 -6.62 32.51
N ASN A 153 -22.84 -6.74 32.92
CA ASN A 153 -22.08 -5.59 33.48
C ASN A 153 -20.96 -4.83 32.74
N ASN A 154 -20.54 -3.75 33.41
CA ASN A 154 -19.48 -2.78 32.98
C ASN A 154 -18.20 -3.32 32.46
N THR A 155 -17.39 -2.38 32.02
CA THR A 155 -16.09 -2.67 31.46
C THR A 155 -15.15 -3.47 32.39
N LEU A 156 -14.74 -2.95 33.56
CA LEU A 156 -13.85 -3.73 34.44
C LEU A 156 -13.78 -3.32 35.95
N THR A 157 -13.05 -4.10 36.79
CA THR A 157 -12.86 -3.86 38.26
C THR A 157 -11.51 -4.43 38.77
N PRO A 158 -11.11 -4.13 40.02
CA PRO A 158 -9.82 -4.67 40.48
C PRO A 158 -9.78 -6.17 40.69
N THR A 159 -10.96 -6.79 40.81
CA THR A 159 -11.00 -8.25 41.07
C THR A 159 -11.39 -9.16 39.92
N THR A 160 -11.86 -8.57 38.81
CA THR A 160 -12.24 -9.30 37.60
C THR A 160 -10.99 -9.53 36.75
N LEU A 161 -11.19 -10.12 35.57
CA LEU A 161 -10.10 -10.38 34.63
C LEU A 161 -10.78 -10.29 33.25
N PRO A 162 -10.40 -9.28 32.41
CA PRO A 162 -9.42 -8.20 32.51
C PRO A 162 -9.58 -7.28 33.72
N PRO A 163 -8.48 -6.81 34.29
CA PRO A 163 -8.63 -5.91 35.45
C PRO A 163 -8.85 -4.43 35.09
N GLY A 164 -9.65 -3.76 35.89
CA GLY A 164 -9.94 -2.37 35.65
C GLY A 164 -9.90 -1.54 36.92
N THR A 165 -10.44 -0.35 36.82
CA THR A 165 -10.49 0.57 37.92
C THR A 165 -11.45 1.65 37.48
N ILE A 166 -12.41 1.95 38.35
CA ILE A 166 -13.38 3.02 38.10
C ILE A 166 -12.78 4.21 38.84
N GLN A 167 -13.39 5.39 38.73
CA GLN A 167 -12.88 6.57 39.44
C GLN A 167 -13.74 7.77 39.15
N TYR A 168 -14.35 8.29 40.19
CA TYR A 168 -15.19 9.45 40.01
C TYR A 168 -14.30 10.69 40.06
N LEU A 169 -14.79 11.77 39.48
CA LEU A 169 -14.06 13.02 39.43
C LEU A 169 -15.05 14.12 39.74
N THR A 170 -15.19 14.41 41.04
CA THR A 170 -16.08 15.46 41.52
C THR A 170 -15.70 16.82 40.91
N ASP A 171 -16.59 17.38 40.09
CA ASP A 171 -16.41 18.67 39.40
C ASP A 171 -15.29 19.50 40.01
N THR A 172 -14.12 19.40 39.42
CA THR A 172 -12.95 20.12 39.88
C THR A 172 -12.70 21.32 38.96
N SER A 173 -13.80 21.94 38.49
CA SER A 173 -13.79 23.06 37.53
C SER A 173 -14.05 22.47 36.15
N LYS A 174 -13.59 21.23 35.97
CA LYS A 174 -13.67 20.41 34.77
C LYS A 174 -14.53 19.19 35.14
N TYR A 175 -15.06 18.49 34.15
CA TYR A 175 -15.91 17.32 34.37
C TYR A 175 -17.25 17.70 35.05
N PRO A 176 -18.39 17.28 34.45
CA PRO A 176 -19.75 17.52 34.95
C PRO A 176 -19.92 16.87 36.32
N LYS A 177 -21.13 16.96 36.87
CA LYS A 177 -21.48 16.40 38.18
C LYS A 177 -21.10 14.92 38.39
N GLY A 178 -21.87 14.00 37.82
CA GLY A 178 -21.59 12.57 38.03
C GLY A 178 -20.51 11.86 37.21
N TYR A 179 -19.60 12.64 36.60
CA TYR A 179 -18.54 12.10 35.76
C TYR A 179 -17.56 11.12 36.45
N PHE A 180 -17.51 9.90 35.89
CA PHE A 180 -16.64 8.83 36.33
C PHE A 180 -16.02 8.20 35.09
N VAL A 181 -14.88 7.55 35.28
CA VAL A 181 -14.20 6.94 34.16
C VAL A 181 -13.70 5.54 34.48
N GLN A 182 -13.53 4.76 33.43
CA GLN A 182 -13.08 3.38 33.50
C GLN A 182 -11.64 3.32 33.04
N ASN A 183 -10.74 3.11 33.97
CA ASN A 183 -9.32 3.03 33.65
C ASN A 183 -9.02 1.54 33.52
N THR A 184 -8.34 1.21 32.43
CA THR A 184 -8.00 -0.16 32.10
C THR A 184 -6.52 -0.19 31.69
N TYR A 185 -5.90 -1.36 31.68
CA TYR A 185 -4.49 -1.43 31.31
C TYR A 185 -4.17 -2.50 30.27
N PHE A 186 -5.09 -2.73 29.32
CA PHE A 186 -4.84 -3.70 28.24
C PHE A 186 -5.10 -3.02 26.90
N ASP A 187 -4.50 -3.53 25.84
CA ASP A 187 -4.60 -2.95 24.50
C ASP A 187 -5.76 -3.44 23.65
N PHE A 188 -6.97 -3.16 24.11
CA PHE A 188 -8.17 -3.51 23.35
C PHE A 188 -9.42 -2.90 23.87
N PHE A 189 -10.43 -2.77 23.02
CA PHE A 189 -11.69 -2.15 23.47
C PHE A 189 -12.52 -3.22 24.19
N ASN A 190 -13.02 -2.90 25.39
CA ASN A 190 -13.78 -3.86 26.16
C ASN A 190 -15.22 -3.91 25.71
N TYR A 191 -15.45 -4.70 24.67
CA TYR A 191 -16.76 -4.86 24.09
C TYR A 191 -17.63 -5.68 25.05
N ALA A 192 -18.93 -5.51 24.95
CA ALA A 192 -19.85 -6.23 25.82
C ALA A 192 -21.04 -6.82 25.03
N GLY A 193 -22.05 -7.27 25.75
CA GLY A 193 -23.22 -7.86 25.11
C GLY A 193 -23.06 -9.36 24.93
N LEU A 194 -24.11 -10.01 24.44
CA LEU A 194 -24.03 -11.45 24.19
C LEU A 194 -23.29 -11.54 22.86
N GLN A 195 -22.04 -12.01 22.92
CA GLN A 195 -21.21 -12.11 21.73
C GLN A 195 -21.03 -13.55 21.22
N ARG A 196 -21.54 -14.53 21.96
CA ARG A 196 -21.45 -15.93 21.53
C ARG A 196 -22.79 -16.70 21.65
N SER A 197 -22.73 -18.02 21.45
CA SER A 197 -23.89 -18.92 21.51
C SER A 197 -24.90 -18.76 22.65
N VAL A 198 -26.18 -18.86 22.32
CA VAL A 198 -27.29 -18.76 23.25
C VAL A 198 -28.19 -19.87 22.68
N LEU A 199 -28.01 -21.10 23.17
CA LEU A 199 -28.82 -22.20 22.66
C LEU A 199 -29.39 -23.18 23.67
N LEU A 200 -30.70 -23.34 23.67
CA LEU A 200 -31.36 -24.27 24.57
C LEU A 200 -31.13 -25.68 24.02
N TYR A 201 -30.78 -26.66 24.87
CA TYR A 201 -30.62 -28.04 24.39
C TYR A 201 -31.17 -29.11 25.37
N THR A 202 -31.13 -30.40 24.97
CA THR A 202 -31.66 -31.50 25.81
C THR A 202 -30.90 -32.82 25.79
N THR A 203 -30.97 -33.55 26.91
CA THR A 203 -30.33 -34.87 27.06
C THR A 203 -31.31 -35.72 27.93
N PRO A 204 -30.99 -36.99 28.18
CA PRO A 204 -31.94 -37.71 29.03
C PRO A 204 -31.58 -37.28 30.47
N THR A 205 -32.25 -37.80 31.50
CA THR A 205 -31.89 -37.35 32.84
C THR A 205 -30.57 -37.90 33.35
N THR A 206 -30.15 -39.03 32.80
CA THR A 206 -28.88 -39.63 33.18
C THR A 206 -28.10 -39.41 31.92
N TYR A 207 -27.22 -38.42 31.96
CA TYR A 207 -26.42 -38.01 30.84
C TYR A 207 -24.93 -38.10 31.07
N ILE A 208 -24.19 -38.27 29.98
CA ILE A 208 -22.72 -38.35 29.97
C ILE A 208 -22.24 -36.92 30.30
N ASP A 209 -22.32 -36.56 31.59
CA ASP A 209 -21.99 -35.22 32.11
C ASP A 209 -20.64 -34.64 31.68
N ASP A 210 -19.60 -35.48 31.67
CA ASP A 210 -18.30 -34.98 31.41
C ASP A 210 -17.26 -36.08 31.16
N ILE A 211 -16.71 -36.12 29.96
CA ILE A 211 -15.68 -37.11 29.60
C ILE A 211 -14.33 -36.39 29.82
N THR A 212 -13.26 -36.88 29.18
CA THR A 212 -11.91 -36.32 29.21
C THR A 212 -10.93 -37.38 28.71
N VAL A 213 -10.12 -37.00 27.72
CA VAL A 213 -9.17 -37.95 27.18
C VAL A 213 -7.76 -37.40 27.27
N THR A 214 -6.81 -38.32 27.46
CA THR A 214 -5.39 -38.01 27.57
C THR A 214 -4.74 -39.01 26.65
N THR A 215 -3.82 -38.55 25.82
CA THR A 215 -3.23 -39.47 24.86
C THR A 215 -1.71 -39.56 24.94
N SER A 216 -1.13 -40.51 24.20
CA SER A 216 0.32 -40.73 24.17
C SER A 216 0.71 -41.59 22.98
N VAL A 217 1.94 -42.09 22.98
CA VAL A 217 2.47 -42.90 21.88
C VAL A 217 3.38 -43.95 22.48
N GLU A 218 3.19 -45.20 22.07
CA GLU A 218 3.99 -46.33 22.57
C GLU A 218 4.32 -47.30 21.44
N GLN A 219 5.27 -46.86 20.60
CA GLN A 219 5.78 -47.60 19.45
C GLN A 219 4.70 -48.08 18.47
N ASP A 220 4.08 -49.20 18.84
CA ASP A 220 3.02 -49.81 18.05
C ASP A 220 1.81 -48.92 18.23
N SER A 221 1.86 -47.75 17.60
CA SER A 221 0.73 -46.86 17.67
C SER A 221 0.52 -46.13 19.01
N GLY A 222 -0.56 -45.37 19.08
CA GLY A 222 -0.87 -44.59 20.25
C GLY A 222 -1.83 -45.31 21.16
N LEU A 223 -2.46 -44.58 22.08
CA LEU A 223 -3.38 -45.20 23.01
C LEU A 223 -4.20 -44.21 23.80
N VAL A 224 -5.44 -43.99 23.40
CA VAL A 224 -6.30 -43.05 24.11
C VAL A 224 -6.73 -43.55 25.49
N ASN A 225 -6.51 -42.71 26.52
CA ASN A 225 -6.85 -43.01 27.92
C ASN A 225 -8.04 -42.12 28.22
N TYR A 226 -9.18 -42.71 28.63
CA TYR A 226 -10.40 -41.95 28.93
C TYR A 226 -10.96 -41.89 30.38
N GLN A 227 -11.73 -40.83 30.63
CA GLN A 227 -12.39 -40.60 31.91
C GLN A 227 -13.79 -40.15 31.50
N ILE A 228 -14.79 -40.61 32.24
CA ILE A 228 -16.19 -40.25 31.98
C ILE A 228 -16.88 -39.90 33.30
N SER A 229 -18.01 -39.24 33.19
CA SER A 229 -18.72 -38.83 34.35
C SER A 229 -20.14 -38.88 33.89
N VAL A 230 -21.01 -39.41 34.73
CA VAL A 230 -22.41 -39.50 34.41
C VAL A 230 -23.14 -38.69 35.51
N LYS A 231 -24.42 -38.37 35.32
CA LYS A 231 -25.12 -37.66 36.36
C LYS A 231 -26.45 -38.30 36.72
N GLY A 232 -26.45 -39.18 37.73
CA GLY A 232 -27.70 -39.80 38.13
C GLY A 232 -27.89 -41.31 37.98
N SER A 233 -29.16 -41.72 38.06
CA SER A 233 -29.57 -43.13 38.02
C SER A 233 -28.81 -43.83 39.16
N ASN A 234 -28.21 -44.97 38.87
CA ASN A 234 -27.46 -45.75 39.84
C ASN A 234 -26.89 -46.77 38.90
N LEU A 235 -27.84 -47.45 38.28
CA LEU A 235 -27.61 -48.53 37.35
C LEU A 235 -27.37 -48.00 35.92
N PHE A 236 -26.25 -48.40 35.31
CA PHE A 236 -25.98 -48.03 33.92
C PHE A 236 -24.79 -48.78 33.38
N LYS A 237 -24.48 -48.55 32.11
CA LYS A 237 -23.35 -49.21 31.50
C LYS A 237 -22.69 -48.25 30.53
N LEU A 238 -21.36 -48.26 30.55
CA LEU A 238 -20.59 -47.43 29.67
C LEU A 238 -19.63 -48.30 28.87
N GLU A 239 -19.74 -48.18 27.55
CA GLU A 239 -18.87 -48.89 26.64
C GLU A 239 -18.49 -47.85 25.60
N VAL A 240 -17.20 -47.63 25.42
CA VAL A 240 -16.76 -46.64 24.44
C VAL A 240 -16.13 -47.33 23.23
N ARG A 241 -16.17 -46.71 22.07
CA ARG A 241 -15.52 -47.28 20.89
C ARG A 241 -14.90 -46.11 20.11
N LEU A 242 -13.81 -46.38 19.39
CA LEU A 242 -13.11 -45.36 18.62
C LEU A 242 -13.07 -45.67 17.09
N LEU A 243 -13.65 -44.77 16.27
CA LEU A 243 -13.63 -44.97 14.80
C LEU A 243 -12.71 -43.98 14.13
N ASP A 244 -12.00 -44.44 13.10
CA ASP A 244 -11.07 -43.59 12.39
C ASP A 244 -11.70 -42.53 11.47
N ALA A 245 -10.94 -42.10 10.46
CA ALA A 245 -11.28 -41.06 9.48
C ALA A 245 -12.75 -40.93 9.08
N GLU A 246 -13.46 -42.05 9.08
CA GLU A 246 -14.87 -42.02 8.76
C GLU A 246 -15.57 -42.75 9.87
N ASN A 247 -15.54 -44.09 9.82
CA ASN A 247 -16.18 -44.88 10.85
C ASN A 247 -15.64 -46.27 10.92
N LYS A 248 -14.37 -46.44 10.55
CA LYS A 248 -13.80 -47.77 10.67
C LYS A 248 -13.59 -47.91 12.18
N VAL A 249 -14.37 -48.78 12.83
CA VAL A 249 -14.22 -48.96 14.26
C VAL A 249 -12.83 -49.55 14.41
N VAL A 250 -12.00 -48.87 15.18
CA VAL A 250 -10.62 -49.27 15.39
C VAL A 250 -10.32 -49.57 16.87
N ALA A 251 -11.33 -49.37 17.74
CA ALA A 251 -11.14 -49.66 19.17
C ALA A 251 -12.42 -49.60 20.01
N ASN A 252 -12.42 -50.31 21.14
CA ASN A 252 -13.57 -50.36 22.04
C ASN A 252 -13.12 -50.64 23.48
N GLY A 253 -13.73 -49.89 24.41
CA GLY A 253 -13.47 -50.03 25.83
C GLY A 253 -14.81 -50.16 26.50
N THR A 254 -14.81 -50.43 27.82
CA THR A 254 -16.06 -50.59 28.60
C THR A 254 -15.94 -50.31 30.09
N GLY A 255 -16.46 -49.15 30.48
CA GLY A 255 -16.45 -48.76 31.87
C GLY A 255 -16.64 -47.27 31.93
N THR A 256 -16.48 -46.72 33.12
CA THR A 256 -16.57 -45.28 33.34
C THR A 256 -15.14 -44.89 33.73
N GLN A 257 -14.17 -45.52 33.05
CA GLN A 257 -12.74 -45.32 33.26
C GLN A 257 -12.00 -46.45 32.52
N GLY A 258 -10.96 -46.13 31.76
CA GLY A 258 -10.23 -47.17 31.04
C GLY A 258 -9.13 -46.68 30.09
N GLN A 259 -8.82 -47.52 29.11
CA GLN A 259 -7.80 -47.27 28.10
C GLN A 259 -8.36 -47.57 26.72
N LEU A 260 -7.50 -47.47 25.71
CA LEU A 260 -7.84 -47.73 24.30
C LEU A 260 -6.59 -47.62 23.44
N LYS A 261 -5.91 -48.74 23.22
CA LYS A 261 -4.68 -48.78 22.45
C LYS A 261 -4.86 -48.99 20.94
N VAL A 262 -5.19 -47.92 20.22
CA VAL A 262 -5.42 -48.00 18.79
C VAL A 262 -4.19 -48.18 17.89
N PRO A 263 -3.96 -49.43 17.43
CA PRO A 263 -2.84 -49.83 16.57
C PRO A 263 -2.95 -49.20 15.18
N GLY A 264 -2.02 -49.56 14.31
CA GLY A 264 -2.03 -49.03 12.97
C GLY A 264 -1.51 -47.61 12.99
N VAL A 265 -1.76 -46.90 14.09
CA VAL A 265 -1.30 -45.53 14.29
C VAL A 265 -1.92 -44.59 13.27
N SER A 266 -1.90 -43.29 13.60
CA SER A 266 -2.41 -42.19 12.76
C SER A 266 -2.54 -40.94 13.65
N LEU A 267 -1.40 -40.30 13.94
CA LEU A 267 -1.39 -39.15 14.79
C LEU A 267 -1.93 -37.86 14.17
N TRP A 268 -2.14 -36.87 15.06
CA TRP A 268 -2.64 -35.52 14.76
C TRP A 268 -1.44 -34.60 14.55
N TRP A 269 -1.03 -34.41 13.30
CA TRP A 269 0.11 -33.57 12.93
C TRP A 269 -0.34 -32.17 12.62
N PRO A 270 0.49 -31.16 12.95
CA PRO A 270 0.09 -29.77 12.65
C PRO A 270 0.42 -29.38 11.18
N TYR A 271 -0.37 -28.46 10.61
CA TYR A 271 -0.20 -28.00 9.22
C TYR A 271 1.26 -28.05 8.82
N LEU A 272 2.12 -27.88 9.81
CA LEU A 272 3.55 -27.88 9.59
C LEU A 272 4.17 -29.12 8.85
N MET A 273 4.11 -30.28 9.46
CA MET A 273 4.81 -31.45 8.92
C MET A 273 4.22 -32.59 8.10
N HIS A 274 3.18 -33.23 8.59
CA HIS A 274 2.66 -34.36 7.81
C HIS A 274 1.84 -33.92 6.64
N GLU A 275 1.98 -34.64 5.56
CA GLU A 275 1.21 -34.30 4.37
C GLU A 275 -0.27 -34.53 4.67
N ARG A 276 -0.55 -35.38 5.66
CA ARG A 276 -1.93 -35.65 6.14
C ARG A 276 -1.78 -35.24 7.59
N PRO A 277 -2.03 -33.95 7.89
CA PRO A 277 -1.91 -33.36 9.23
C PRO A 277 -2.94 -33.72 10.35
N ALA A 278 -3.74 -32.72 10.73
CA ALA A 278 -4.72 -32.83 11.80
C ALA A 278 -5.67 -34.01 11.70
N TYR A 279 -5.19 -35.20 12.05
CA TYR A 279 -6.03 -36.38 11.96
C TYR A 279 -6.88 -36.64 13.18
N LEU A 280 -8.18 -36.54 12.98
CA LEU A 280 -9.16 -36.73 14.01
C LEU A 280 -9.92 -38.10 13.99
N TYR A 281 -9.81 -38.84 15.09
CA TYR A 281 -10.49 -40.11 15.28
C TYR A 281 -11.67 -39.67 16.10
N SER A 282 -12.79 -40.39 16.08
CA SER A 282 -13.93 -39.97 16.89
C SER A 282 -14.19 -40.99 17.99
N LEU A 283 -14.46 -40.53 19.20
CA LEU A 283 -14.74 -41.44 20.31
C LEU A 283 -16.22 -41.52 20.51
N GLU A 284 -16.79 -42.73 20.48
CA GLU A 284 -18.23 -42.80 20.72
C GLU A 284 -18.62 -43.31 22.07
N VAL A 285 -19.06 -42.38 22.89
CA VAL A 285 -19.46 -42.70 24.23
C VAL A 285 -20.94 -42.93 24.14
N GLN A 286 -21.30 -44.16 24.54
CA GLN A 286 -22.67 -44.66 24.59
C GLN A 286 -22.89 -45.15 25.99
N LEU A 287 -23.98 -44.69 26.59
CA LEU A 287 -24.33 -45.04 27.95
C LEU A 287 -25.78 -45.42 28.03
N THR A 288 -26.03 -46.53 28.70
CA THR A 288 -27.39 -47.01 28.90
C THR A 288 -27.59 -47.12 30.42
N ALA A 289 -28.59 -46.40 30.90
CA ALA A 289 -28.89 -46.36 32.32
C ALA A 289 -30.33 -46.69 32.58
N GLN A 290 -30.54 -47.46 33.65
CA GLN A 290 -31.88 -47.86 34.09
C GLN A 290 -32.29 -46.71 35.03
N THR A 291 -33.10 -45.77 34.53
CA THR A 291 -33.53 -44.66 35.35
C THR A 291 -34.82 -44.94 36.13
N SER A 292 -35.80 -44.06 35.98
CA SER A 292 -37.09 -44.19 36.67
C SER A 292 -38.05 -44.83 35.70
N LEU A 293 -38.11 -44.23 34.51
CA LEU A 293 -38.99 -44.71 33.48
C LEU A 293 -38.23 -45.58 32.49
N GLY A 294 -37.43 -46.54 33.00
CA GLY A 294 -36.71 -47.46 32.14
C GLY A 294 -35.26 -47.18 31.79
N PRO A 295 -34.59 -48.09 31.06
CA PRO A 295 -33.20 -47.86 30.69
C PRO A 295 -33.05 -46.93 29.47
N VAL A 296 -32.81 -45.64 29.71
CA VAL A 296 -32.63 -44.68 28.61
C VAL A 296 -31.17 -44.71 28.19
N SER A 297 -30.89 -44.23 26.98
CA SER A 297 -29.51 -44.19 26.49
C SER A 297 -29.12 -42.75 26.12
N ASP A 298 -27.82 -42.51 26.00
CA ASP A 298 -27.25 -41.21 25.65
C ASP A 298 -25.96 -41.54 24.91
N PHE A 299 -25.59 -40.65 23.98
CA PHE A 299 -24.39 -40.77 23.12
C PHE A 299 -23.76 -39.38 23.06
N TYR A 300 -22.46 -39.30 22.81
CA TYR A 300 -21.86 -37.99 22.68
C TYR A 300 -20.94 -37.85 21.48
N THR A 301 -20.02 -38.81 21.35
CA THR A 301 -19.01 -38.79 20.28
C THR A 301 -18.12 -37.54 20.45
N LEU A 302 -16.86 -37.78 20.79
CA LEU A 302 -15.91 -36.71 21.01
C LEU A 302 -14.71 -36.87 20.09
N PRO A 303 -14.42 -35.84 19.30
CA PRO A 303 -13.28 -35.90 18.38
C PRO A 303 -12.02 -36.00 19.20
N VAL A 304 -11.31 -37.10 19.00
CA VAL A 304 -10.09 -37.35 19.70
C VAL A 304 -8.92 -37.30 18.74
N GLY A 305 -7.95 -36.45 19.04
CA GLY A 305 -6.77 -36.35 18.20
C GLY A 305 -5.61 -36.75 19.06
N ILE A 306 -4.96 -37.85 18.69
CA ILE A 306 -3.82 -38.40 19.42
C ILE A 306 -2.49 -37.77 19.01
N ARG A 307 -1.84 -37.10 19.96
CA ARG A 307 -0.56 -36.44 19.72
C ARG A 307 0.04 -36.13 21.09
N THR A 308 1.38 -36.09 21.15
CA THR A 308 2.18 -35.81 22.35
C THR A 308 2.93 -34.48 22.25
N VAL A 309 3.00 -33.73 23.34
CA VAL A 309 3.66 -32.43 23.40
C VAL A 309 4.65 -32.38 24.59
N ALA A 310 5.96 -32.50 24.35
CA ALA A 310 6.98 -32.44 25.42
C ALA A 310 7.71 -31.07 25.29
N VAL A 311 8.93 -30.97 25.82
CA VAL A 311 9.78 -29.76 25.78
C VAL A 311 11.13 -30.07 26.44
N THR A 312 12.20 -29.43 25.99
CA THR A 312 13.50 -29.66 26.60
C THR A 312 14.04 -28.31 27.03
N LYS A 313 15.35 -28.21 27.22
CA LYS A 313 15.98 -26.94 27.62
C LYS A 313 16.29 -26.08 26.39
N SER A 314 16.17 -26.67 25.20
CA SER A 314 16.44 -25.92 23.98
C SER A 314 15.33 -26.01 22.94
N GLN A 315 14.73 -27.20 22.78
CA GLN A 315 13.67 -27.41 21.78
C GLN A 315 12.29 -27.96 22.16
N PHE A 316 11.24 -27.43 21.51
CA PHE A 316 9.83 -27.84 21.71
C PHE A 316 9.61 -29.06 20.83
N LEU A 317 8.81 -30.01 21.32
CA LEU A 317 8.61 -31.24 20.56
C LEU A 317 7.18 -31.72 20.53
N ILE A 318 6.64 -31.86 19.32
CA ILE A 318 5.28 -32.36 19.12
C ILE A 318 5.43 -33.71 18.41
N ASN A 319 4.64 -34.71 18.79
CA ASN A 319 4.74 -36.03 18.17
C ASN A 319 6.20 -36.43 18.20
N GLY A 320 6.83 -36.09 19.34
CA GLY A 320 8.23 -36.41 19.59
C GLY A 320 9.28 -35.80 18.70
N LYS A 321 8.89 -35.00 17.71
CA LYS A 321 9.86 -34.36 16.81
C LYS A 321 9.82 -32.87 16.97
N PRO A 322 10.93 -32.16 16.65
CA PRO A 322 11.03 -30.70 16.76
C PRO A 322 9.90 -29.98 16.05
N PHE A 323 9.48 -28.88 16.64
CA PHE A 323 8.43 -28.08 16.09
C PHE A 323 8.69 -26.59 16.34
N TYR A 324 8.82 -25.81 15.26
CA TYR A 324 9.05 -24.38 15.39
C TYR A 324 7.76 -23.64 15.13
N PHE A 325 7.40 -22.77 16.06
CA PHE A 325 6.17 -21.99 15.93
C PHE A 325 6.38 -20.80 15.00
N HIS A 326 5.60 -20.75 13.93
CA HIS A 326 5.66 -19.61 13.02
C HIS A 326 4.25 -19.34 12.67
N GLY A 327 3.61 -18.66 13.60
CA GLY A 327 2.21 -18.35 13.44
C GLY A 327 1.90 -16.89 13.59
N VAL A 328 0.89 -16.58 14.41
CA VAL A 328 0.44 -15.21 14.58
C VAL A 328 -0.35 -15.07 15.90
N ASN A 329 -0.80 -13.86 16.19
CA ASN A 329 -1.60 -13.60 17.38
C ASN A 329 -2.80 -13.01 16.71
N LYS A 330 -3.99 -13.49 17.04
CA LYS A 330 -5.21 -13.00 16.38
C LYS A 330 -6.03 -12.17 17.33
N HIS A 331 -7.34 -12.23 17.18
CA HIS A 331 -8.25 -11.51 18.09
C HIS A 331 -9.66 -11.75 17.55
N GLU A 332 -10.68 -11.36 18.30
CA GLU A 332 -12.07 -11.51 17.89
C GLU A 332 -12.48 -10.09 17.72
N ASP A 333 -12.53 -9.64 16.47
CA ASP A 333 -12.89 -8.26 16.17
C ASP A 333 -13.18 -8.07 14.68
N ALA A 334 -14.15 -7.19 14.38
CA ALA A 334 -14.50 -6.87 13.00
C ALA A 334 -15.63 -5.86 12.96
N ASP A 335 -15.65 -5.04 11.92
CA ASP A 335 -16.61 -3.97 11.72
C ASP A 335 -18.01 -4.41 12.15
N ILE A 336 -18.79 -3.47 12.67
CA ILE A 336 -20.15 -3.73 13.13
C ILE A 336 -20.34 -4.73 14.33
N ARG A 337 -20.05 -6.01 14.08
CA ARG A 337 -20.23 -7.08 15.08
C ARG A 337 -19.34 -7.14 16.33
N GLY A 338 -18.34 -6.26 16.38
CA GLY A 338 -17.42 -6.22 17.50
C GLY A 338 -16.77 -7.58 17.54
N LYS A 339 -17.00 -8.25 18.66
CA LYS A 339 -16.49 -9.60 18.97
C LYS A 339 -17.53 -10.70 18.81
N GLY A 340 -18.68 -10.39 18.21
CA GLY A 340 -19.71 -11.40 18.03
C GLY A 340 -19.22 -12.54 17.19
N PHE A 341 -19.75 -13.76 17.37
CA PHE A 341 -19.31 -14.89 16.55
C PHE A 341 -19.86 -14.78 15.14
N ASP A 342 -19.10 -15.26 14.16
CA ASP A 342 -19.45 -15.18 12.75
C ASP A 342 -18.82 -16.34 11.96
N TRP A 343 -19.65 -17.11 11.26
CA TRP A 343 -19.09 -18.20 10.49
C TRP A 343 -18.29 -17.80 9.28
N PRO A 344 -18.80 -16.87 8.45
CA PRO A 344 -17.94 -16.52 7.29
C PRO A 344 -16.59 -15.88 7.68
N LEU A 345 -16.59 -14.97 8.65
CA LEU A 345 -15.31 -14.37 9.04
C LEU A 345 -14.40 -15.42 9.67
N LEU A 346 -14.96 -16.50 10.18
CA LEU A 346 -14.15 -17.59 10.75
C LEU A 346 -13.48 -18.33 9.59
N VAL A 347 -14.26 -18.64 8.55
CA VAL A 347 -13.72 -19.38 7.39
C VAL A 347 -12.63 -18.61 6.63
N LYS A 348 -12.88 -17.34 6.31
CA LYS A 348 -11.91 -16.46 5.62
C LYS A 348 -10.58 -16.50 6.40
N ASP A 349 -10.63 -16.15 7.69
CA ASP A 349 -9.52 -16.12 8.60
C ASP A 349 -8.71 -17.42 8.60
N PHE A 350 -9.37 -18.56 8.47
CA PHE A 350 -8.70 -19.86 8.41
C PHE A 350 -8.12 -20.19 7.04
N ASN A 351 -8.60 -19.50 6.02
CA ASN A 351 -8.06 -19.68 4.68
C ASN A 351 -6.81 -18.81 4.59
N LEU A 352 -6.85 -17.63 5.23
CA LEU A 352 -5.69 -16.73 5.26
C LEU A 352 -4.52 -17.31 6.06
N LEU A 353 -4.81 -17.97 7.17
CA LEU A 353 -3.78 -18.61 8.00
C LEU A 353 -3.01 -19.63 7.15
N ARG A 354 -3.74 -20.48 6.41
CA ARG A 354 -3.12 -21.48 5.55
C ARG A 354 -2.45 -20.77 4.39
N TRP A 355 -3.07 -19.66 3.93
CA TRP A 355 -2.51 -18.86 2.85
C TRP A 355 -1.13 -18.34 3.22
N LEU A 356 -1.02 -17.85 4.43
CA LEU A 356 0.22 -17.31 4.98
C LEU A 356 1.25 -18.40 5.24
N GLY A 357 0.82 -19.48 5.89
CA GLY A 357 1.73 -20.57 6.19
C GLY A 357 1.99 -20.64 7.68
N ALA A 358 1.11 -19.99 8.44
CA ALA A 358 1.16 -19.94 9.90
C ALA A 358 0.46 -21.21 10.32
N ASN A 359 1.19 -22.02 11.07
CA ASN A 359 0.69 -23.29 11.52
C ASN A 359 0.29 -23.18 12.99
N ALA A 360 0.24 -21.95 13.53
CA ALA A 360 -0.08 -21.73 14.97
C ALA A 360 -0.50 -20.33 15.37
N PHE A 361 -1.30 -20.22 16.43
CA PHE A 361 -1.69 -18.92 16.90
C PHE A 361 -1.97 -18.88 18.38
N ARG A 362 -1.99 -17.67 18.94
CA ARG A 362 -2.20 -17.49 20.36
C ARG A 362 -3.52 -16.83 20.63
N THR A 363 -4.21 -17.42 21.59
CA THR A 363 -5.50 -16.97 21.99
C THR A 363 -5.29 -15.65 22.71
N SER A 364 -4.94 -14.65 21.91
CA SER A 364 -4.64 -13.32 22.36
C SER A 364 -5.49 -12.72 23.50
N HIS A 365 -4.92 -12.86 24.72
CA HIS A 365 -5.43 -12.34 25.99
C HIS A 365 -6.80 -12.77 26.42
N TYR A 366 -7.32 -13.86 25.89
CA TYR A 366 -8.64 -14.33 26.31
C TYR A 366 -9.12 -15.51 25.51
N PRO A 367 -9.78 -16.48 26.16
CA PRO A 367 -10.28 -17.67 25.44
C PRO A 367 -11.23 -17.34 24.25
N TYR A 368 -11.11 -18.10 23.15
CA TYR A 368 -11.95 -17.91 21.96
C TYR A 368 -13.23 -18.73 21.91
N ALA A 369 -14.10 -18.34 20.98
CA ALA A 369 -15.40 -18.92 20.80
C ALA A 369 -15.66 -20.40 20.96
N GLU A 370 -15.07 -21.23 20.12
CA GLU A 370 -15.36 -22.68 20.13
C GLU A 370 -14.56 -23.27 18.99
N GLU A 371 -14.17 -22.38 18.07
CA GLU A 371 -13.34 -22.62 16.89
C GLU A 371 -12.00 -23.29 17.21
N VAL A 372 -11.87 -23.74 18.44
CA VAL A 372 -10.68 -24.42 18.85
C VAL A 372 -10.86 -25.81 18.22
N MET A 373 -12.06 -26.09 17.72
CA MET A 373 -12.31 -27.39 17.04
C MET A 373 -11.86 -27.19 15.60
N GLN A 374 -11.87 -25.94 15.17
CA GLN A 374 -11.41 -25.58 13.83
C GLN A 374 -9.89 -25.89 13.80
N MET A 375 -9.19 -25.55 14.89
CA MET A 375 -7.75 -25.82 14.99
C MET A 375 -7.47 -27.31 14.88
N CYS A 376 -8.45 -28.09 15.36
CA CYS A 376 -8.38 -29.55 15.36
C CYS A 376 -8.56 -30.20 13.98
N ASP A 377 -9.58 -29.71 13.26
CA ASP A 377 -9.95 -30.17 11.91
C ASP A 377 -8.70 -30.19 11.07
N ARG A 378 -8.75 -30.87 9.92
CA ARG A 378 -7.62 -31.01 8.98
C ARG A 378 -6.64 -29.83 9.06
N TYR A 379 -7.17 -28.67 9.41
CA TYR A 379 -6.42 -27.47 9.57
C TYR A 379 -5.13 -27.68 10.31
N GLY A 380 -5.17 -28.35 11.45
CA GLY A 380 -3.95 -28.56 12.24
C GLY A 380 -3.24 -27.28 12.67
N ILE A 381 -3.98 -26.31 13.23
CA ILE A 381 -3.44 -25.02 13.70
C ILE A 381 -3.22 -25.03 15.23
N VAL A 382 -2.02 -25.40 15.67
CA VAL A 382 -1.62 -25.45 17.09
C VAL A 382 -2.12 -24.21 17.87
N VAL A 383 -2.45 -24.34 19.16
CA VAL A 383 -2.93 -23.15 19.89
C VAL A 383 -2.37 -22.95 21.32
N ILE A 384 -1.97 -21.71 21.64
CA ILE A 384 -1.47 -21.35 22.96
C ILE A 384 -2.69 -20.66 23.59
N ASP A 385 -3.40 -21.35 24.49
CA ASP A 385 -4.63 -20.83 25.11
C ASP A 385 -4.45 -19.87 26.29
N GLU A 386 -4.85 -18.60 26.13
CA GLU A 386 -4.70 -17.64 27.21
C GLU A 386 -6.03 -17.42 27.94
N CYS A 387 -5.94 -16.93 29.18
CA CYS A 387 -7.09 -16.57 30.03
C CYS A 387 -6.87 -15.09 30.20
N PRO A 388 -7.94 -14.30 30.46
CA PRO A 388 -7.81 -12.84 30.63
C PRO A 388 -6.91 -12.20 31.70
N GLY A 389 -5.64 -12.58 31.77
CA GLY A 389 -4.72 -11.98 32.72
C GLY A 389 -4.03 -10.92 31.88
N VAL A 390 -4.73 -9.84 31.59
CA VAL A 390 -4.27 -8.73 30.72
C VAL A 390 -3.54 -7.53 31.39
N GLY A 391 -4.31 -6.60 31.96
CA GLY A 391 -3.76 -5.41 32.59
C GLY A 391 -3.34 -5.61 34.03
N LEU A 392 -2.60 -6.67 34.29
CA LEU A 392 -2.11 -6.99 35.64
C LEU A 392 -0.84 -6.17 35.82
N ALA A 393 -1.03 -4.85 35.79
CA ALA A 393 0.07 -3.90 35.91
C ALA A 393 0.15 -3.24 37.28
N LEU A 394 -0.96 -2.70 37.76
CA LEU A 394 -0.95 -2.07 39.07
C LEU A 394 -0.70 -3.12 40.17
N PRO A 395 -0.01 -2.72 41.23
CA PRO A 395 0.27 -3.66 42.32
C PRO A 395 -1.00 -4.10 43.08
N GLN A 396 -2.05 -3.28 43.04
CA GLN A 396 -3.27 -3.65 43.75
C GLN A 396 -3.96 -4.87 43.15
N PHE A 397 -3.90 -5.01 41.84
CA PHE A 397 -4.53 -6.12 41.14
C PHE A 397 -3.98 -7.51 41.50
N PHE A 398 -2.96 -7.55 42.35
CA PHE A 398 -2.36 -8.80 42.77
C PHE A 398 -2.69 -9.14 44.25
N ASN A 399 -3.92 -8.84 44.64
CA ASN A 399 -4.37 -9.11 45.98
C ASN A 399 -4.90 -10.54 46.00
N ASN A 400 -5.06 -11.11 47.21
CA ASN A 400 -5.49 -12.51 47.37
C ASN A 400 -6.83 -12.93 46.78
N VAL A 401 -7.82 -12.05 46.74
CA VAL A 401 -9.09 -12.44 46.17
C VAL A 401 -8.86 -12.60 44.65
N SER A 402 -8.11 -11.66 44.10
CA SER A 402 -7.76 -11.67 42.69
C SER A 402 -7.08 -13.00 42.38
N LEU A 403 -6.18 -13.43 43.26
CA LEU A 403 -5.45 -14.67 43.03
C LEU A 403 -6.40 -15.87 43.10
N HIS A 404 -7.39 -15.80 43.97
CA HIS A 404 -8.30 -16.91 44.08
C HIS A 404 -9.07 -16.95 42.80
N HIS A 405 -9.49 -15.77 42.33
CA HIS A 405 -10.26 -15.64 41.08
C HIS A 405 -9.52 -16.22 39.90
N HIS A 406 -8.27 -15.81 39.70
CA HIS A 406 -7.48 -16.34 38.58
C HIS A 406 -7.34 -17.87 38.62
N MET A 407 -7.59 -18.46 39.77
CA MET A 407 -7.49 -19.91 39.88
C MET A 407 -8.79 -20.56 39.48
N GLN A 408 -9.87 -19.80 39.62
CA GLN A 408 -11.21 -20.22 39.24
C GLN A 408 -11.17 -20.20 37.71
N VAL A 409 -10.99 -19.01 37.12
CA VAL A 409 -10.97 -18.86 35.67
C VAL A 409 -10.06 -19.86 34.98
N MET A 410 -8.93 -20.21 35.59
CA MET A 410 -8.03 -21.21 34.97
C MET A 410 -8.58 -22.65 35.01
N GLU A 411 -9.60 -22.89 35.83
CA GLU A 411 -10.25 -24.20 35.92
C GLU A 411 -11.29 -24.28 34.77
N GLU A 412 -12.01 -23.18 34.56
CA GLU A 412 -12.98 -23.07 33.47
C GLU A 412 -12.25 -23.14 32.09
N VAL A 413 -11.26 -22.28 31.88
CA VAL A 413 -10.53 -22.28 30.63
C VAL A 413 -9.98 -23.66 30.35
N VAL A 414 -9.52 -24.36 31.37
CA VAL A 414 -8.97 -25.70 31.17
C VAL A 414 -10.09 -26.73 31.02
N ARG A 415 -11.25 -26.46 31.61
CA ARG A 415 -12.36 -27.41 31.50
C ARG A 415 -12.68 -27.41 30.03
N ARG A 416 -13.10 -26.25 29.58
CA ARG A 416 -13.51 -26.06 28.22
C ARG A 416 -12.57 -26.52 27.09
N ASP A 417 -11.27 -26.24 27.19
CA ASP A 417 -10.36 -26.61 26.12
C ASP A 417 -9.39 -27.76 26.41
N LYS A 418 -9.57 -28.49 27.50
CA LYS A 418 -8.61 -29.57 27.79
C LYS A 418 -8.67 -30.80 26.86
N ASN A 419 -9.68 -30.75 25.98
CA ASN A 419 -9.96 -31.80 25.04
C ASN A 419 -9.37 -31.59 23.64
N HIS A 420 -9.08 -30.35 23.31
CA HIS A 420 -8.55 -30.03 22.00
C HIS A 420 -7.11 -30.47 21.76
N PRO A 421 -6.87 -31.29 20.72
CA PRO A 421 -5.47 -31.72 20.46
C PRO A 421 -4.65 -30.60 19.88
N ALA A 422 -5.32 -29.51 19.55
CA ALA A 422 -4.65 -28.35 18.98
C ALA A 422 -3.91 -27.56 20.05
N VAL A 423 -4.56 -27.36 21.19
CA VAL A 423 -3.95 -26.63 22.28
C VAL A 423 -2.73 -27.41 22.76
N VAL A 424 -1.57 -26.78 22.69
CA VAL A 424 -0.31 -27.41 23.08
C VAL A 424 0.34 -26.69 24.26
N MET A 425 -0.18 -25.52 24.60
CA MET A 425 0.36 -24.76 25.72
C MET A 425 -0.68 -23.78 26.31
N TRP A 426 -0.50 -23.49 27.59
CA TRP A 426 -1.38 -22.57 28.26
C TRP A 426 -0.62 -21.26 28.54
N SER A 427 -1.35 -20.21 28.82
CA SER A 427 -0.73 -18.94 29.08
C SER A 427 -1.67 -18.51 30.16
N VAL A 428 -1.14 -18.06 31.29
CA VAL A 428 -1.96 -17.66 32.43
C VAL A 428 -1.99 -16.16 32.48
N ALA A 429 -1.11 -15.52 31.73
CA ALA A 429 -1.04 -14.07 31.69
C ALA A 429 -0.26 -13.47 30.52
N ASN A 430 -0.55 -12.22 30.23
CA ASN A 430 0.10 -11.50 29.17
C ASN A 430 0.61 -10.21 29.77
N GLU A 431 1.92 -10.01 29.67
CA GLU A 431 2.56 -8.80 30.20
C GLU A 431 2.11 -8.31 31.60
N PRO A 432 2.29 -9.15 32.64
CA PRO A 432 1.89 -8.72 33.98
C PRO A 432 3.08 -7.92 34.63
N ALA A 433 2.86 -7.28 35.77
CA ALA A 433 3.98 -6.55 36.41
C ALA A 433 4.81 -7.59 37.18
N SER A 434 5.26 -8.61 36.44
CA SER A 434 5.98 -9.73 36.98
C SER A 434 7.32 -9.45 37.59
N HIS A 435 7.72 -8.17 37.56
CA HIS A 435 8.99 -7.74 38.15
C HIS A 435 8.74 -7.48 39.65
N LEU A 436 7.51 -7.07 39.92
CA LEU A 436 7.01 -6.79 41.24
C LEU A 436 7.12 -8.13 42.01
N GLU A 437 7.39 -8.05 43.32
CA GLU A 437 7.56 -9.24 44.15
C GLU A 437 6.26 -10.00 44.38
N SER A 438 5.19 -9.29 44.70
CA SER A 438 3.94 -9.98 44.95
C SER A 438 3.50 -10.78 43.74
N ALA A 439 3.62 -10.19 42.55
CA ALA A 439 3.23 -10.83 41.28
C ALA A 439 3.93 -12.16 41.00
N GLY A 440 5.21 -12.28 41.36
CA GLY A 440 5.94 -13.52 41.14
C GLY A 440 5.36 -14.70 41.92
N TYR A 441 4.85 -14.39 43.12
CA TYR A 441 4.21 -15.34 44.03
C TYR A 441 2.89 -15.77 43.36
N TYR A 442 2.07 -14.77 43.09
CA TYR A 442 0.78 -14.92 42.43
C TYR A 442 1.00 -15.81 41.20
N LEU A 443 1.98 -15.50 40.37
CA LEU A 443 2.27 -16.28 39.17
C LEU A 443 2.59 -17.75 39.43
N LYS A 444 3.53 -18.01 40.34
CA LYS A 444 3.87 -19.38 40.72
C LYS A 444 2.59 -20.11 41.16
N MET A 445 1.70 -19.36 41.80
CA MET A 445 0.45 -19.90 42.28
C MET A 445 -0.39 -20.35 41.13
N VAL A 446 -0.97 -19.39 40.43
CA VAL A 446 -1.79 -19.60 39.24
C VAL A 446 -1.20 -20.67 38.29
N ILE A 447 0.10 -20.60 38.07
CA ILE A 447 0.82 -21.51 37.24
C ILE A 447 0.89 -22.95 37.79
N ALA A 448 1.33 -23.12 39.04
CA ALA A 448 1.44 -24.44 39.66
C ALA A 448 0.06 -25.10 39.72
N HIS A 449 -0.95 -24.27 39.74
CA HIS A 449 -2.33 -24.69 39.78
C HIS A 449 -2.77 -25.25 38.43
N THR A 450 -2.26 -24.67 37.35
CA THR A 450 -2.65 -25.17 36.04
C THR A 450 -1.86 -26.44 35.76
N LYS A 451 -0.69 -26.56 36.39
CA LYS A 451 0.09 -27.75 36.17
C LYS A 451 -0.67 -28.94 36.77
N SER A 452 -1.47 -28.61 37.78
CA SER A 452 -2.33 -29.57 38.42
C SER A 452 -3.58 -29.28 37.59
N LEU A 453 -4.59 -30.14 37.72
CA LEU A 453 -5.80 -30.01 36.93
C LEU A 453 -5.39 -30.60 35.59
N ASP A 454 -4.35 -30.03 34.95
CA ASP A 454 -3.86 -30.53 33.67
C ASP A 454 -2.36 -30.70 33.51
N PRO A 455 -1.86 -31.94 33.62
CA PRO A 455 -0.43 -32.26 33.49
C PRO A 455 -0.03 -32.72 32.10
N SER A 456 -0.83 -32.39 31.09
CA SER A 456 -0.56 -32.85 29.74
C SER A 456 0.31 -31.94 28.90
N ARG A 457 0.22 -30.65 29.14
CA ARG A 457 1.00 -29.71 28.36
C ARG A 457 1.50 -28.55 29.24
N PRO A 458 2.72 -28.01 28.96
CA PRO A 458 3.32 -26.90 29.70
C PRO A 458 2.45 -25.68 29.87
N VAL A 459 2.85 -24.84 30.79
CA VAL A 459 2.17 -23.58 31.11
C VAL A 459 3.19 -22.45 31.03
N THR A 460 2.66 -21.27 30.78
CA THR A 460 3.47 -20.07 30.66
C THR A 460 2.62 -18.79 30.71
N PHE A 461 3.30 -17.67 30.66
CA PHE A 461 2.65 -16.37 30.68
C PHE A 461 3.66 -15.57 29.87
N VAL A 462 3.17 -14.74 28.97
CA VAL A 462 4.01 -13.94 28.11
C VAL A 462 4.48 -12.66 28.82
N SER A 463 5.72 -12.25 28.63
CA SER A 463 6.19 -11.04 29.31
C SER A 463 7.00 -10.01 28.51
N ASN A 464 6.89 -8.75 28.96
CA ASN A 464 7.69 -7.64 28.40
C ASN A 464 8.62 -7.25 29.57
N SER A 465 8.98 -8.22 30.44
CA SER A 465 9.83 -7.96 31.61
C SER A 465 11.31 -8.16 31.41
N ASN A 466 12.09 -7.21 31.91
CA ASN A 466 13.54 -7.23 31.83
C ASN A 466 14.08 -8.49 32.52
N TYR A 467 14.93 -9.24 31.82
CA TYR A 467 15.51 -10.46 32.40
C TYR A 467 16.18 -9.96 33.65
N ALA A 468 16.30 -10.81 34.65
CA ALA A 468 16.91 -10.39 35.92
C ALA A 468 15.94 -9.55 36.74
N ALA A 469 14.93 -9.01 36.08
CA ALA A 469 13.94 -8.15 36.75
C ALA A 469 12.60 -8.87 36.79
N ASP A 470 12.50 -9.92 36.00
CA ASP A 470 11.29 -10.74 35.92
C ASP A 470 11.28 -11.77 37.07
N LYS A 471 10.27 -11.69 37.95
CA LYS A 471 10.17 -12.60 39.07
C LYS A 471 9.48 -13.92 38.76
N GLY A 472 8.49 -13.88 37.88
CA GLY A 472 7.76 -15.07 37.51
C GLY A 472 8.50 -16.00 36.59
N ALA A 473 9.42 -15.46 35.80
CA ALA A 473 10.14 -16.29 34.85
C ALA A 473 10.81 -17.60 35.32
N PRO A 474 11.14 -17.71 36.63
CA PRO A 474 11.75 -19.01 36.95
C PRO A 474 10.78 -20.15 36.90
N TYR A 475 9.48 -19.81 36.84
CA TYR A 475 8.40 -20.80 36.82
C TYR A 475 7.73 -21.20 35.49
N VAL A 476 8.10 -20.55 34.38
CA VAL A 476 7.50 -20.90 33.10
C VAL A 476 8.28 -22.03 32.46
N ASP A 477 7.61 -22.94 31.72
CA ASP A 477 8.25 -24.08 31.05
C ASP A 477 8.90 -23.75 29.72
N VAL A 478 8.49 -22.60 29.17
CA VAL A 478 8.96 -22.07 27.89
C VAL A 478 8.85 -20.56 27.98
N ILE A 479 9.91 -19.85 27.58
CA ILE A 479 9.93 -18.38 27.57
C ILE A 479 9.16 -17.65 26.42
N CYS A 480 8.28 -16.71 26.76
CA CYS A 480 7.51 -15.96 25.75
C CYS A 480 7.88 -14.48 25.93
N LEU A 481 8.49 -13.87 24.90
CA LEU A 481 8.93 -12.49 24.96
C LEU A 481 8.29 -11.51 24.01
N ASN A 482 8.09 -10.29 24.50
CA ASN A 482 7.50 -9.25 23.71
C ASN A 482 8.58 -8.15 23.61
N SER A 483 8.79 -7.65 22.41
CA SER A 483 9.80 -6.63 22.21
C SER A 483 9.42 -5.93 20.93
N TYR A 484 9.47 -4.61 20.94
CA TYR A 484 9.13 -3.82 19.77
C TYR A 484 10.29 -2.87 19.55
N TYR A 485 11.47 -3.40 19.26
CA TYR A 485 12.64 -2.55 19.03
C TYR A 485 12.39 -1.72 17.79
N SER A 486 12.61 -0.41 17.90
CA SER A 486 12.40 0.58 16.83
C SER A 486 11.06 1.21 17.06
N TRP A 487 10.17 0.45 17.70
CA TRP A 487 8.83 0.90 18.04
C TRP A 487 8.75 1.07 19.56
N TYR A 488 8.03 2.06 20.07
CA TYR A 488 7.99 2.15 21.53
C TYR A 488 9.28 2.73 22.15
N HIS A 489 10.40 2.55 21.44
CA HIS A 489 11.69 3.08 21.81
C HIS A 489 12.64 3.01 20.63
N ASP A 490 13.49 4.04 20.48
CA ASP A 490 14.47 4.18 19.41
C ASP A 490 13.68 4.41 18.14
N TYR A 491 12.65 5.21 18.28
CA TYR A 491 11.77 5.55 17.21
C TYR A 491 12.47 5.71 15.85
N GLY A 492 12.14 4.79 14.92
CA GLY A 492 12.67 4.77 13.57
C GLY A 492 14.04 4.13 13.40
N HIS A 493 14.52 3.44 14.42
CA HIS A 493 15.84 2.87 14.32
C HIS A 493 15.90 1.42 14.06
N LEU A 494 15.66 1.04 12.80
CA LEU A 494 15.69 -0.37 12.43
C LEU A 494 17.14 -0.92 12.42
N GLU A 495 18.12 -0.01 12.46
CA GLU A 495 19.55 -0.38 12.45
C GLU A 495 19.97 -0.97 13.78
N LEU A 496 19.12 -0.76 14.79
CA LEU A 496 19.35 -1.25 16.15
C LEU A 496 18.69 -2.60 16.40
N ILE A 497 17.49 -2.81 15.87
CA ILE A 497 16.75 -4.07 16.07
C ILE A 497 17.64 -5.29 16.15
N GLN A 498 18.32 -5.60 15.06
CA GLN A 498 19.18 -6.77 15.04
C GLN A 498 20.09 -6.85 16.27
N LEU A 499 20.76 -5.75 16.62
CA LEU A 499 21.62 -5.73 17.80
C LEU A 499 20.87 -6.02 19.10
N GLN A 500 19.91 -5.16 19.45
CA GLN A 500 19.14 -5.32 20.69
C GLN A 500 18.47 -6.67 20.83
N LEU A 501 18.19 -7.34 19.72
CA LEU A 501 17.52 -8.64 19.76
C LEU A 501 18.38 -9.82 20.19
N ALA A 502 19.42 -10.10 19.44
CA ALA A 502 20.28 -11.21 19.74
C ALA A 502 20.63 -11.25 21.23
N THR A 503 20.85 -10.08 21.82
CA THR A 503 21.18 -9.98 23.24
C THR A 503 20.07 -10.42 24.16
N GLN A 504 18.87 -9.87 23.97
CA GLN A 504 17.73 -10.24 24.81
C GLN A 504 17.61 -11.74 24.92
N PHE A 505 17.86 -12.42 23.81
CA PHE A 505 17.80 -13.88 23.75
C PHE A 505 18.96 -14.49 24.56
N GLU A 506 20.18 -14.04 24.32
CA GLU A 506 21.35 -14.56 25.03
C GLU A 506 21.21 -14.37 26.53
N ASN A 507 20.84 -13.17 26.96
CA ASN A 507 20.65 -12.90 28.37
C ASN A 507 19.55 -13.81 28.96
N TRP A 508 18.45 -13.95 28.24
CA TRP A 508 17.32 -14.81 28.66
C TRP A 508 17.68 -16.31 28.81
N TYR A 509 18.28 -16.90 27.79
CA TYR A 509 18.63 -18.29 27.87
C TYR A 509 19.77 -18.55 28.81
N LYS A 510 20.79 -17.67 28.83
CA LYS A 510 21.97 -17.86 29.69
C LYS A 510 21.56 -17.95 31.17
N LYS A 511 20.55 -17.18 31.55
CA LYS A 511 20.03 -17.22 32.90
C LYS A 511 19.07 -18.42 32.91
N TYR A 512 17.88 -18.26 32.32
CA TYR A 512 16.85 -19.31 32.24
C TYR A 512 17.09 -20.29 31.09
N GLN A 513 17.53 -21.52 31.42
CA GLN A 513 17.84 -22.54 30.40
C GLN A 513 16.59 -23.11 29.77
N LYS A 514 15.96 -22.33 28.91
CA LYS A 514 14.76 -22.83 28.25
C LYS A 514 14.40 -22.15 26.93
N PRO A 515 13.59 -22.85 26.10
CA PRO A 515 13.07 -22.43 24.78
C PRO A 515 12.36 -21.10 24.88
N ILE A 516 12.74 -20.17 24.00
CA ILE A 516 12.15 -18.83 23.96
C ILE A 516 11.24 -18.80 22.75
N ILE A 517 10.18 -18.00 22.81
CA ILE A 517 9.25 -17.85 21.71
C ILE A 517 9.10 -16.35 21.57
N GLN A 518 9.24 -15.86 20.34
CA GLN A 518 9.08 -14.43 20.12
C GLN A 518 7.60 -14.27 19.94
N SER A 519 6.88 -14.17 21.06
CA SER A 519 5.44 -14.03 21.05
C SER A 519 4.83 -12.70 20.58
N GLU A 520 5.65 -11.77 20.11
CA GLU A 520 5.09 -10.47 19.74
C GLU A 520 6.17 -9.51 19.22
N TYR A 521 5.90 -8.92 18.06
CA TYR A 521 6.79 -7.98 17.38
C TYR A 521 6.01 -7.37 16.24
N GLY A 522 6.33 -6.12 15.86
CA GLY A 522 5.60 -5.46 14.80
C GLY A 522 5.61 -3.96 14.90
N ALA A 523 5.09 -3.28 13.87
CA ALA A 523 5.02 -1.83 13.82
C ALA A 523 3.62 -1.41 13.38
N GLU A 524 3.11 -0.35 13.98
CA GLU A 524 1.80 0.15 13.65
C GLU A 524 1.81 0.68 12.22
N THR A 525 1.20 -0.07 11.28
CA THR A 525 1.15 0.37 9.88
C THR A 525 -0.24 0.62 9.30
N ILE A 526 -0.40 1.76 8.62
CA ILE A 526 -1.66 2.07 7.96
C ILE A 526 -1.48 1.96 6.42
N ALA A 527 -2.47 1.38 5.73
CA ALA A 527 -2.38 1.18 4.28
C ALA A 527 -2.43 2.46 3.44
N GLY A 528 -1.60 2.48 2.38
CA GLY A 528 -1.54 3.65 1.53
C GLY A 528 -0.40 4.57 1.90
N PHE A 529 0.25 4.32 3.05
CA PHE A 529 1.39 5.12 3.50
C PHE A 529 2.62 4.35 3.08
N HIS A 530 3.47 5.02 2.29
CA HIS A 530 4.73 4.48 1.77
C HIS A 530 5.68 5.67 1.84
N GLN A 531 6.95 5.39 2.10
CA GLN A 531 8.02 6.38 2.24
C GLN A 531 9.22 5.59 1.81
N ASP A 532 10.07 6.08 0.90
CA ASP A 532 11.19 5.21 0.52
C ASP A 532 11.93 4.93 1.78
N PRO A 533 12.64 5.93 2.37
CA PRO A 533 13.33 5.60 3.62
C PRO A 533 12.14 5.26 4.54
N PRO A 534 12.00 3.97 4.86
CA PRO A 534 10.93 3.47 5.69
C PRO A 534 10.00 4.41 6.50
N LEU A 535 10.56 5.30 7.33
CA LEU A 535 9.77 6.19 8.21
C LEU A 535 8.66 5.57 9.05
N MET A 536 7.79 6.42 9.57
CA MET A 536 6.70 6.03 10.48
C MET A 536 5.66 4.93 10.17
N PHE A 537 4.38 5.25 10.36
CA PHE A 537 3.27 4.32 10.10
C PHE A 537 3.16 4.07 8.57
N THR A 538 4.16 3.38 8.05
CA THR A 538 4.30 3.15 6.65
C THR A 538 4.45 1.65 6.33
N GLU A 539 3.90 1.24 5.18
CA GLU A 539 3.98 -0.17 4.79
C GLU A 539 5.40 -0.71 4.65
N GLU A 540 6.32 0.09 4.12
CA GLU A 540 7.71 -0.34 3.94
C GLU A 540 8.45 -0.47 5.25
N TYR A 541 8.16 0.45 6.17
CA TYR A 541 8.81 0.42 7.48
C TYR A 541 8.50 -0.93 8.11
N GLN A 542 7.22 -1.29 8.10
CA GLN A 542 6.76 -2.54 8.63
C GLN A 542 7.52 -3.68 7.97
N LYS A 543 7.73 -3.62 6.65
CA LYS A 543 8.45 -4.66 5.94
C LYS A 543 9.87 -4.65 6.40
N SER A 544 10.35 -3.48 6.80
CA SER A 544 11.73 -3.31 7.30
C SER A 544 11.95 -3.85 8.73
N LEU A 545 11.09 -3.50 9.69
CA LEU A 545 11.24 -4.01 11.05
C LEU A 545 11.02 -5.51 11.01
N LEU A 546 9.93 -5.92 10.35
CA LEU A 546 9.64 -7.34 10.23
C LEU A 546 10.88 -8.00 9.68
N GLU A 547 11.32 -7.56 8.51
CA GLU A 547 12.51 -8.12 7.86
C GLU A 547 13.73 -8.23 8.79
N GLN A 548 13.92 -7.20 9.61
CA GLN A 548 15.03 -7.12 10.56
C GLN A 548 14.85 -8.06 11.75
N TYR A 549 13.60 -8.18 12.21
CA TYR A 549 13.32 -9.07 13.34
C TYR A 549 13.59 -10.51 12.96
N HIS A 550 13.17 -10.86 11.73
CA HIS A 550 13.33 -12.18 11.15
C HIS A 550 14.80 -12.49 11.06
N LEU A 551 15.59 -11.43 10.83
CA LEU A 551 17.03 -11.54 10.75
C LEU A 551 17.65 -12.02 12.08
N GLY A 552 17.13 -11.50 13.19
CA GLY A 552 17.60 -11.92 14.49
C GLY A 552 17.10 -13.28 14.91
N LEU A 553 15.88 -13.65 14.50
CA LEU A 553 15.29 -14.95 14.86
C LEU A 553 16.07 -16.08 14.17
N ASP A 554 16.56 -15.80 12.96
CA ASP A 554 17.30 -16.82 12.20
C ASP A 554 18.63 -17.30 12.76
N GLN A 555 19.21 -16.48 13.65
CA GLN A 555 20.45 -16.83 14.28
C GLN A 555 20.26 -17.85 15.39
N LYS A 556 19.17 -17.73 16.14
CA LYS A 556 18.94 -18.67 17.23
C LYS A 556 17.77 -19.63 17.03
N ARG A 557 17.05 -19.46 15.93
CA ARG A 557 15.87 -20.29 15.60
C ARG A 557 16.05 -21.79 15.76
N ARG A 558 17.15 -22.32 15.24
CA ARG A 558 17.44 -23.75 15.35
C ARG A 558 18.24 -24.11 16.64
N LYS A 559 18.14 -23.24 17.65
CA LYS A 559 18.84 -23.45 18.95
C LYS A 559 17.85 -23.54 20.11
N TYR A 560 17.59 -22.39 20.74
CA TYR A 560 16.71 -22.32 21.88
C TYR A 560 15.53 -21.42 21.71
N VAL A 561 15.43 -20.77 20.54
CA VAL A 561 14.27 -19.92 20.21
C VAL A 561 13.39 -20.93 19.46
N VAL A 562 12.21 -21.21 19.98
CA VAL A 562 11.33 -22.22 19.36
C VAL A 562 10.03 -21.70 18.80
N GLY A 563 9.93 -20.41 18.66
CA GLY A 563 8.69 -19.92 18.16
C GLY A 563 8.76 -18.53 17.67
N GLU A 564 7.68 -18.13 17.01
CA GLU A 564 7.58 -16.82 16.41
C GLU A 564 6.11 -16.52 16.21
N LEU A 565 5.70 -15.36 16.71
CA LEU A 565 4.35 -14.92 16.58
C LEU A 565 4.42 -13.43 16.29
N ILE A 566 4.16 -13.06 15.06
CA ILE A 566 4.17 -11.66 14.69
C ILE A 566 3.00 -11.09 15.51
N TRP A 567 2.98 -9.79 15.79
CA TRP A 567 1.90 -9.28 16.62
C TRP A 567 0.55 -9.61 16.05
N ASN A 568 -0.10 -8.67 15.37
CA ASN A 568 -1.43 -9.04 14.90
C ASN A 568 -1.71 -9.49 13.50
N PHE A 569 -2.61 -10.46 13.45
CA PHE A 569 -3.08 -11.03 12.23
C PHE A 569 -3.75 -9.85 11.56
N ALA A 570 -4.55 -9.12 12.34
CA ALA A 570 -5.27 -7.97 11.78
C ALA A 570 -5.38 -6.73 12.70
N ASP A 571 -5.97 -5.68 12.15
CA ASP A 571 -6.15 -4.47 12.87
C ASP A 571 -7.42 -4.62 13.68
N PHE A 572 -7.45 -4.07 14.88
CA PHE A 572 -8.64 -4.19 15.70
C PHE A 572 -8.96 -2.91 16.40
N MET A 573 -10.05 -2.89 17.13
CA MET A 573 -10.45 -1.70 17.84
C MET A 573 -9.87 -1.72 19.22
N THR A 574 -9.44 -0.53 19.64
CA THR A 574 -8.83 -0.29 20.94
C THR A 574 -9.56 0.91 21.52
N GLU A 575 -9.29 1.19 22.78
CA GLU A 575 -9.87 2.32 23.46
C GLU A 575 -9.21 3.53 22.74
N GLN A 576 -9.87 4.68 22.70
CA GLN A 576 -9.30 5.89 22.04
C GLN A 576 -8.10 6.57 22.73
N SER A 577 -6.92 6.56 22.08
CA SER A 577 -5.71 7.22 22.61
C SER A 577 -4.89 7.76 21.41
N PRO A 578 -4.09 8.85 21.60
CA PRO A 578 -3.23 9.51 20.61
C PRO A 578 -2.29 8.56 19.91
N THR A 579 -1.99 7.47 20.58
CA THR A 579 -1.09 6.47 20.04
C THR A 579 -1.86 5.41 19.25
N ARG A 580 -3.18 5.43 19.39
CA ARG A 580 -4.01 4.47 18.72
C ARG A 580 -4.88 5.19 17.70
N VAL A 581 -4.64 4.89 16.43
CA VAL A 581 -5.37 5.56 15.37
C VAL A 581 -6.52 4.70 14.87
N LEU A 582 -7.70 4.92 15.47
CA LEU A 582 -8.90 4.14 15.17
C LEU A 582 -8.60 2.67 15.49
N GLY A 583 -7.88 2.45 16.57
CA GLY A 583 -7.54 1.11 16.96
C GLY A 583 -6.07 0.79 16.80
N ASN A 584 -5.76 -0.48 17.02
CA ASN A 584 -4.42 -0.98 16.91
C ASN A 584 -4.17 -1.31 15.44
N LYS A 585 -3.53 -0.40 14.72
CA LYS A 585 -3.22 -0.60 13.30
C LYS A 585 -1.94 -1.40 13.12
N LYS A 586 -1.69 -2.35 14.02
CA LYS A 586 -0.44 -3.12 13.95
C LYS A 586 -0.46 -4.42 13.18
N GLY A 587 -1.60 -4.76 12.57
CA GLY A 587 -1.73 -6.02 11.85
C GLY A 587 -1.30 -6.08 10.39
N ILE A 588 -0.88 -7.26 9.94
CA ILE A 588 -0.45 -7.46 8.57
C ILE A 588 -1.56 -7.52 7.58
N PHE A 589 -2.79 -7.63 8.08
CA PHE A 589 -4.01 -7.70 7.27
C PHE A 589 -4.85 -6.59 7.85
N THR A 590 -5.71 -5.99 7.03
CA THR A 590 -6.59 -4.93 7.50
C THR A 590 -7.72 -5.47 8.43
N ARG A 591 -8.62 -4.62 8.89
CA ARG A 591 -9.69 -5.14 9.67
C ARG A 591 -10.58 -5.94 8.75
N GLN A 592 -10.66 -5.59 7.48
CA GLN A 592 -11.51 -6.35 6.54
C GLN A 592 -10.76 -7.48 5.80
N ARG A 593 -9.73 -8.01 6.44
CA ARG A 593 -8.92 -9.10 5.92
C ARG A 593 -8.28 -8.95 4.56
N GLN A 594 -7.93 -7.72 4.17
CA GLN A 594 -7.20 -7.51 2.92
C GLN A 594 -5.72 -7.42 3.31
N PRO A 595 -4.81 -8.06 2.55
CA PRO A 595 -3.38 -8.04 2.87
C PRO A 595 -2.62 -6.73 2.67
N LYS A 596 -1.53 -6.62 3.44
CA LYS A 596 -0.64 -5.47 3.43
C LYS A 596 0.64 -5.96 2.82
N SER A 597 1.51 -5.05 2.35
CA SER A 597 2.77 -5.47 1.71
C SER A 597 3.63 -6.40 2.57
N ALA A 598 3.59 -6.19 3.88
CA ALA A 598 4.34 -7.00 4.84
C ALA A 598 3.86 -8.45 4.89
N ALA A 599 2.55 -8.65 4.68
CA ALA A 599 1.92 -9.98 4.65
C ALA A 599 2.62 -10.93 3.66
N PHE A 600 2.75 -10.47 2.43
CA PHE A 600 3.42 -11.22 1.39
C PHE A 600 4.78 -11.70 1.80
N LEU A 601 5.51 -10.85 2.50
CA LEU A 601 6.85 -11.08 2.99
C LEU A 601 6.86 -12.17 4.05
N LEU A 602 5.95 -12.04 5.01
CA LEU A 602 5.77 -12.99 6.09
C LEU A 602 5.39 -14.32 5.49
N ARG A 603 4.48 -14.29 4.53
CA ARG A 603 4.04 -15.47 3.80
C ARG A 603 5.25 -16.18 3.18
N GLU A 604 6.18 -15.41 2.62
CA GLU A 604 7.36 -16.03 2.03
C GLU A 604 8.18 -16.72 3.09
N ARG A 605 8.47 -16.05 4.20
CA ARG A 605 9.29 -16.68 5.24
C ARG A 605 8.64 -17.92 5.83
N TYR A 606 7.38 -17.81 6.22
CA TYR A 606 6.66 -18.91 6.82
C TYR A 606 6.69 -20.13 5.94
N TRP A 607 6.51 -19.92 4.65
CA TRP A 607 6.54 -21.04 3.71
C TRP A 607 7.95 -21.60 3.48
N LYS A 608 8.94 -20.72 3.51
CA LYS A 608 10.34 -21.13 3.31
C LYS A 608 10.72 -22.06 4.44
N ILE A 609 10.46 -21.58 5.66
CA ILE A 609 10.76 -22.32 6.89
C ILE A 609 9.99 -23.64 6.86
N ALA A 610 8.69 -23.57 6.59
CA ALA A 610 7.85 -24.78 6.52
C ALA A 610 8.42 -25.82 5.52
N ASN A 611 9.22 -25.34 4.57
CA ASN A 611 9.79 -26.23 3.60
C ASN A 611 11.14 -26.77 4.03
N GLU A 612 11.79 -26.11 4.98
CA GLU A 612 13.08 -26.58 5.49
C GLU A 612 12.91 -27.92 6.23
N GLY B 2 16.55 29.40 -44.72
CA GLY B 2 16.90 28.75 -43.47
C GLY B 2 16.01 29.23 -42.32
N LEU B 3 16.10 28.55 -41.16
CA LEU B 3 15.33 28.90 -39.97
C LEU B 3 15.95 30.18 -39.49
N GLN B 4 15.23 31.28 -39.62
CA GLN B 4 15.78 32.58 -39.22
C GLN B 4 15.83 32.71 -37.70
N GLY B 5 16.83 32.07 -37.11
CA GLY B 5 16.98 32.15 -35.68
C GLY B 5 17.73 30.98 -35.06
N GLY B 6 18.78 31.32 -34.32
CA GLY B 6 19.58 30.31 -33.63
C GLY B 6 18.91 30.26 -32.27
N MET B 7 19.23 29.23 -31.49
CA MET B 7 18.60 29.09 -30.18
C MET B 7 19.46 28.18 -29.29
N LEU B 8 20.52 28.76 -28.72
CA LEU B 8 21.41 28.00 -27.84
C LEU B 8 21.12 28.42 -26.40
N TYR B 9 21.55 27.62 -25.41
CA TYR B 9 21.23 27.87 -23.99
C TYR B 9 21.98 28.94 -23.24
N PRO B 10 21.26 30.00 -22.84
CA PRO B 10 21.81 31.12 -22.08
C PRO B 10 22.90 30.66 -21.10
N GLN B 11 24.08 31.22 -21.26
CA GLN B 11 25.21 30.85 -20.45
C GLN B 11 25.75 31.97 -19.56
N GLU B 12 26.47 31.56 -18.52
CA GLU B 12 27.11 32.50 -17.63
C GLU B 12 28.49 32.66 -18.23
N SER B 13 28.72 33.74 -18.94
CA SER B 13 30.03 34.02 -19.54
C SER B 13 30.03 35.46 -20.07
N PRO B 14 31.23 36.03 -20.33
CA PRO B 14 31.46 37.39 -20.84
C PRO B 14 30.41 37.84 -21.88
N SER B 15 29.28 38.29 -21.31
CA SER B 15 28.06 38.77 -21.96
C SER B 15 26.97 37.79 -21.57
N ARG B 16 26.28 38.03 -20.45
CA ARG B 16 25.27 37.09 -20.02
C ARG B 16 23.95 37.56 -19.39
N GLU B 17 22.99 36.63 -19.34
CA GLU B 17 21.62 36.76 -18.84
C GLU B 17 21.30 37.12 -17.39
N CYS B 18 20.01 37.35 -17.23
CA CYS B 18 19.39 37.71 -15.98
C CYS B 18 18.10 36.90 -15.96
N LYS B 19 18.10 35.73 -15.32
CA LYS B 19 16.90 34.90 -15.28
C LYS B 19 15.78 35.47 -14.44
N GLU B 20 15.02 36.39 -15.03
CA GLU B 20 13.88 37.02 -14.35
C GLU B 20 12.62 36.12 -14.17
N LEU B 21 12.80 34.79 -14.29
CA LEU B 21 11.69 33.87 -14.08
C LEU B 21 11.68 33.61 -12.59
N ASP B 22 11.02 34.51 -11.89
CA ASP B 22 10.90 34.39 -10.45
C ASP B 22 9.69 35.21 -10.16
N GLY B 23 9.46 35.36 -8.86
CA GLY B 23 8.38 36.19 -8.36
C GLY B 23 7.02 36.10 -8.97
N LEU B 24 6.24 37.13 -8.69
CA LEU B 24 4.89 37.19 -9.15
C LEU B 24 4.70 38.16 -10.27
N TRP B 25 4.16 37.67 -11.39
CA TRP B 25 3.89 38.54 -12.51
C TRP B 25 2.44 38.90 -12.34
N SER B 26 2.04 40.04 -12.89
CA SER B 26 0.67 40.48 -12.85
C SER B 26 -0.01 39.48 -13.78
N PHE B 27 -1.27 39.19 -13.56
CA PHE B 27 -1.89 38.21 -14.42
C PHE B 27 -3.34 38.47 -14.54
N ARG B 28 -3.76 38.64 -15.79
CA ARG B 28 -5.16 38.89 -16.10
C ARG B 28 -5.54 37.78 -17.04
N ALA B 29 -6.82 37.51 -17.07
CA ALA B 29 -7.38 36.49 -17.93
C ALA B 29 -8.76 37.05 -18.10
N ASP B 30 -9.22 37.19 -19.33
CA ASP B 30 -10.55 37.74 -19.57
C ASP B 30 -11.32 36.82 -20.46
N PHE B 31 -12.62 36.88 -20.24
CA PHE B 31 -13.58 36.12 -20.98
C PHE B 31 -14.89 36.64 -20.46
N SER B 32 -15.80 36.93 -21.38
CA SER B 32 -17.12 37.43 -21.01
C SER B 32 -18.05 37.38 -22.25
N ASP B 33 -17.61 36.65 -23.28
CA ASP B 33 -18.33 36.46 -24.52
C ASP B 33 -17.25 36.01 -25.48
N ASN B 34 -17.18 36.64 -26.64
CA ASN B 34 -16.23 36.30 -27.67
C ASN B 34 -14.74 36.47 -27.41
N ARG B 35 -14.07 37.05 -28.40
CA ARG B 35 -12.64 37.27 -28.32
C ARG B 35 -12.37 38.33 -27.22
N ARG B 36 -13.47 38.98 -26.84
CA ARG B 36 -13.54 40.00 -25.79
C ARG B 36 -12.58 41.17 -25.91
N ARG B 37 -12.51 41.94 -24.83
CA ARG B 37 -11.66 43.09 -24.73
C ARG B 37 -10.19 42.77 -25.16
N GLY B 38 -9.25 42.79 -24.22
CA GLY B 38 -7.86 42.52 -24.54
C GLY B 38 -7.40 43.29 -25.78
N PHE B 39 -7.32 42.59 -26.90
CA PHE B 39 -6.91 43.20 -28.15
C PHE B 39 -7.88 44.31 -28.58
N GLU B 40 -9.17 44.09 -28.38
CA GLU B 40 -10.20 45.09 -28.71
C GLU B 40 -9.93 46.41 -27.96
N GLU B 41 -9.18 46.31 -26.86
CA GLU B 41 -8.81 47.50 -26.12
C GLU B 41 -7.30 47.65 -26.01
N GLN B 42 -6.58 46.89 -26.81
CA GLN B 42 -5.12 47.01 -26.84
C GLN B 42 -4.47 46.93 -25.47
N TRP B 43 -5.11 46.29 -24.49
CA TRP B 43 -4.59 46.18 -23.10
C TRP B 43 -3.12 46.47 -22.91
N TYR B 44 -2.30 45.89 -23.77
CA TYR B 44 -0.85 46.06 -23.74
C TYR B 44 -0.30 47.51 -23.98
N ARG B 45 -1.19 48.51 -23.99
CA ARG B 45 -0.77 49.89 -24.23
C ARG B 45 -0.69 50.72 -22.95
N ARG B 46 -0.12 50.12 -21.90
CA ARG B 46 0.06 50.72 -20.58
C ARG B 46 0.27 49.53 -19.64
N PRO B 47 -0.02 49.68 -18.31
CA PRO B 47 0.19 48.52 -17.43
C PRO B 47 -1.20 47.90 -17.20
N LEU B 48 -1.26 46.59 -16.97
CA LEU B 48 -2.57 45.92 -16.81
C LEU B 48 -3.48 46.43 -15.72
N TRP B 49 -2.92 46.67 -14.54
CA TRP B 49 -3.73 47.15 -13.44
C TRP B 49 -4.57 48.36 -13.89
N GLU B 50 -3.99 49.16 -14.79
CA GLU B 50 -4.63 50.36 -15.30
C GLU B 50 -5.84 50.04 -16.19
N SER B 51 -5.73 48.91 -16.89
CA SER B 51 -6.75 48.38 -17.80
C SER B 51 -7.87 47.61 -17.06
N GLY B 52 -7.62 47.32 -15.78
CA GLY B 52 -8.59 46.62 -14.96
C GLY B 52 -7.96 45.84 -13.82
N PRO B 53 -8.76 45.49 -12.81
CA PRO B 53 -8.38 44.73 -11.60
C PRO B 53 -7.65 43.45 -11.90
N THR B 54 -6.52 43.27 -11.22
CA THR B 54 -5.66 42.10 -11.41
C THR B 54 -5.42 41.12 -10.22
N VAL B 55 -4.66 40.07 -10.54
CA VAL B 55 -4.29 39.01 -9.63
C VAL B 55 -2.82 38.67 -9.90
N ASP B 56 -2.15 38.09 -8.92
CA ASP B 56 -0.73 37.72 -9.04
C ASP B 56 -0.57 36.37 -9.68
N MET B 57 0.61 36.06 -10.20
CA MET B 57 0.86 34.76 -10.84
C MET B 57 2.33 34.43 -11.00
N PRO B 58 2.84 33.50 -10.18
CA PRO B 58 4.25 33.09 -10.24
C PRO B 58 4.70 32.62 -11.60
N VAL B 59 6.00 32.38 -11.75
CA VAL B 59 6.59 31.82 -12.96
C VAL B 59 7.89 31.12 -12.53
N PRO B 60 8.14 29.87 -12.94
CA PRO B 60 7.44 28.92 -13.82
C PRO B 60 6.21 28.24 -13.19
N SER B 61 5.01 28.62 -13.62
CA SER B 61 3.86 27.97 -13.05
C SER B 61 2.60 28.15 -13.88
N SER B 62 1.87 27.04 -13.96
CA SER B 62 0.60 26.92 -14.67
C SER B 62 -0.44 27.52 -13.77
N PHE B 63 -1.11 28.54 -14.27
CA PHE B 63 -2.12 29.25 -13.51
C PHE B 63 -3.23 28.38 -12.97
N ASN B 64 -3.52 27.31 -13.71
CA ASN B 64 -4.58 26.34 -13.40
C ASN B 64 -4.82 26.09 -11.89
N ASP B 65 -3.79 25.58 -11.22
CA ASP B 65 -3.94 25.23 -9.82
C ASP B 65 -3.21 26.15 -8.82
N ILE B 66 -3.53 27.44 -8.88
CA ILE B 66 -2.93 28.40 -7.95
C ILE B 66 -4.08 29.01 -7.24
N SER B 67 -5.20 29.07 -7.96
CA SER B 67 -6.44 29.67 -7.49
C SER B 67 -7.50 28.72 -6.98
N GLN B 68 -8.60 29.32 -6.57
CA GLN B 68 -9.71 28.54 -6.08
C GLN B 68 -10.85 28.65 -7.08
N ASP B 69 -10.49 28.93 -8.34
CA ASP B 69 -11.46 29.06 -9.40
C ASP B 69 -11.41 27.85 -10.32
N TRP B 70 -12.59 27.34 -10.64
CA TRP B 70 -12.77 26.21 -11.52
C TRP B 70 -12.84 26.72 -12.95
N ARG B 71 -13.38 27.93 -13.09
CA ARG B 71 -13.49 28.58 -14.41
C ARG B 71 -12.05 28.75 -14.91
N LEU B 72 -11.26 29.48 -14.13
CA LEU B 72 -9.88 29.71 -14.44
C LEU B 72 -9.12 28.40 -14.56
N ARG B 73 -9.69 27.33 -14.05
CA ARG B 73 -8.99 26.04 -14.09
C ARG B 73 -9.26 25.36 -15.44
N HIS B 74 -10.51 25.46 -15.90
CA HIS B 74 -10.98 24.87 -17.15
C HIS B 74 -11.31 26.04 -18.09
N PHE B 75 -10.29 26.87 -18.34
CA PHE B 75 -10.47 28.08 -19.15
C PHE B 75 -9.75 27.96 -20.48
N VAL B 76 -10.35 28.56 -21.52
CA VAL B 76 -9.88 28.59 -22.92
C VAL B 76 -9.95 30.04 -23.42
N GLY B 77 -8.89 30.51 -24.07
CA GLY B 77 -8.84 31.87 -24.54
C GLY B 77 -7.44 32.41 -24.33
N TRP B 78 -7.33 33.73 -24.14
CA TRP B 78 -6.05 34.44 -23.94
C TRP B 78 -5.83 34.75 -22.48
N VAL B 79 -4.58 34.59 -22.05
CA VAL B 79 -4.13 34.82 -20.67
C VAL B 79 -2.96 35.83 -20.73
N TRP B 80 -2.89 36.74 -19.74
CA TRP B 80 -1.90 37.81 -19.73
C TRP B 80 -0.87 38.05 -18.63
N TYR B 81 0.34 37.51 -18.77
CA TYR B 81 1.40 37.75 -17.78
C TYR B 81 2.07 39.13 -18.02
N GLU B 82 2.63 39.77 -16.99
CA GLU B 82 3.28 41.10 -17.17
C GLU B 82 4.15 41.46 -15.99
N ARG B 83 5.34 41.96 -16.27
CA ARG B 83 6.23 42.32 -15.19
C ARG B 83 7.25 43.38 -15.58
N GLU B 84 7.38 44.37 -14.72
CA GLU B 84 8.38 45.41 -14.94
C GLU B 84 9.76 44.84 -14.52
N VAL B 85 10.81 45.38 -15.14
CA VAL B 85 12.16 44.95 -14.81
C VAL B 85 13.05 46.19 -14.90
N ILE B 86 14.24 46.09 -14.31
CA ILE B 86 15.23 47.15 -14.30
C ILE B 86 16.54 46.52 -14.81
N LEU B 87 17.05 47.09 -15.87
CA LEU B 87 18.25 46.55 -16.44
C LEU B 87 19.37 47.51 -16.12
N PRO B 88 20.59 47.00 -15.95
CA PRO B 88 21.66 47.95 -15.66
C PRO B 88 21.87 48.92 -16.84
N GLU B 89 22.46 50.09 -16.56
CA GLU B 89 22.75 51.09 -17.59
C GLU B 89 23.65 50.39 -18.61
N ARG B 90 24.51 49.51 -18.10
CA ARG B 90 25.39 48.71 -18.92
C ARG B 90 24.54 47.87 -19.87
N TRP B 91 23.33 47.51 -19.42
CA TRP B 91 22.38 46.76 -20.25
C TRP B 91 21.91 47.75 -21.32
N THR B 92 22.42 48.97 -21.27
CA THR B 92 22.03 49.99 -22.21
C THR B 92 23.30 50.70 -22.76
N GLN B 93 23.48 51.96 -22.34
CA GLN B 93 24.61 52.82 -22.68
C GLN B 93 25.59 52.25 -23.69
N ASP B 94 26.40 51.30 -23.25
CA ASP B 94 27.41 50.69 -24.13
C ASP B 94 26.79 49.96 -25.31
N LEU B 95 26.43 50.72 -26.35
CA LEU B 95 25.85 50.12 -27.54
C LEU B 95 26.95 49.19 -28.04
N ARG B 96 26.80 47.90 -27.78
CA ARG B 96 27.77 46.89 -28.18
C ARG B 96 27.27 45.52 -27.74
N THR B 97 26.70 45.50 -26.54
CA THR B 97 26.12 44.31 -25.97
C THR B 97 24.69 44.27 -26.51
N ARG B 98 24.06 43.09 -26.50
CA ARG B 98 22.70 42.87 -27.02
C ARG B 98 21.79 42.46 -25.90
N VAL B 99 20.53 42.90 -25.98
CA VAL B 99 19.54 42.56 -24.97
C VAL B 99 18.29 41.82 -25.54
N VAL B 100 18.46 40.50 -25.69
CA VAL B 100 17.47 39.55 -26.23
C VAL B 100 16.50 38.94 -25.18
N LEU B 101 15.21 39.10 -25.45
CA LEU B 101 14.16 38.56 -24.58
C LEU B 101 13.78 37.07 -24.82
N ARG B 102 14.54 36.13 -24.23
CA ARG B 102 14.31 34.69 -24.39
C ARG B 102 13.24 34.08 -23.50
N ILE B 103 12.37 33.28 -24.08
CA ILE B 103 11.30 32.66 -23.32
C ILE B 103 11.27 31.13 -23.43
N GLY B 104 11.71 30.44 -22.37
CA GLY B 104 11.71 28.98 -22.32
C GLY B 104 10.48 28.28 -22.91
N SER B 105 9.25 28.73 -22.61
CA SER B 105 8.03 28.12 -23.13
C SER B 105 6.79 28.95 -22.85
N ALA B 106 5.67 28.51 -23.41
CA ALA B 106 4.32 29.10 -23.26
C ALA B 106 3.24 28.21 -23.93
N HIS B 107 2.10 28.77 -24.32
CA HIS B 107 1.12 27.88 -24.91
C HIS B 107 0.92 27.79 -26.44
N SER B 108 -0.32 27.63 -26.91
CA SER B 108 -0.61 27.49 -28.35
C SER B 108 -0.11 28.62 -29.21
N TYR B 109 -0.16 29.82 -28.65
CA TYR B 109 0.26 31.04 -29.33
C TYR B 109 0.63 32.06 -28.25
N ALA B 110 1.80 32.66 -28.38
CA ALA B 110 2.29 33.66 -27.45
C ALA B 110 2.74 34.94 -28.17
N ILE B 111 2.35 36.07 -27.60
CA ILE B 111 2.69 37.39 -28.13
C ILE B 111 3.48 38.16 -27.06
N VAL B 112 4.78 38.34 -27.27
CA VAL B 112 5.67 39.10 -26.35
C VAL B 112 5.80 40.60 -26.70
N TRP B 113 5.29 41.48 -25.83
CA TRP B 113 5.39 42.94 -25.97
C TRP B 113 6.53 43.45 -25.06
N VAL B 114 7.34 44.37 -25.59
CA VAL B 114 8.50 44.95 -24.93
C VAL B 114 9.19 45.77 -26.03
N ASN B 115 10.52 45.65 -26.21
CA ASN B 115 11.26 46.39 -27.29
C ASN B 115 10.75 47.77 -27.70
N GLY B 116 9.79 47.76 -28.64
CA GLY B 116 9.14 48.94 -29.13
C GLY B 116 7.67 48.67 -28.87
N VAL B 117 7.36 47.37 -28.70
CA VAL B 117 6.04 46.79 -28.41
C VAL B 117 6.09 45.38 -29.01
N ASP B 118 5.44 45.13 -30.16
CA ASP B 118 5.43 43.83 -30.84
C ASP B 118 6.90 43.54 -30.97
N THR B 119 7.33 42.39 -30.47
CA THR B 119 8.77 42.06 -30.54
C THR B 119 8.99 40.65 -31.02
N LEU B 120 8.18 39.77 -30.44
CA LEU B 120 8.25 38.34 -30.67
C LEU B 120 6.83 37.76 -30.65
N GLU B 121 6.64 36.74 -31.47
CA GLU B 121 5.39 36.01 -31.60
C GLU B 121 5.77 34.55 -31.85
N HIS B 122 5.01 33.63 -31.27
CA HIS B 122 5.31 32.20 -31.40
C HIS B 122 4.02 31.37 -31.38
N GLU B 123 4.02 30.29 -32.17
CA GLU B 123 2.86 29.42 -32.24
C GLU B 123 3.29 28.13 -31.61
N GLY B 124 2.68 27.88 -30.47
CA GLY B 124 2.89 26.69 -29.64
C GLY B 124 4.11 25.78 -29.52
N GLY B 125 3.93 24.81 -28.60
CA GLY B 125 4.91 23.79 -28.33
C GLY B 125 5.47 23.91 -26.92
N TYR B 126 6.31 22.94 -26.62
CA TYR B 126 7.00 22.87 -25.35
C TYR B 126 8.41 23.29 -25.82
N LEU B 127 8.41 24.45 -26.48
CA LEU B 127 9.56 25.05 -27.13
C LEU B 127 9.73 26.56 -26.91
N PRO B 128 10.99 27.02 -26.94
CA PRO B 128 11.45 28.40 -26.76
C PRO B 128 11.52 29.35 -27.93
N PHE B 129 11.61 30.63 -27.56
CA PHE B 129 11.70 31.72 -28.48
C PHE B 129 12.31 32.98 -27.88
N GLU B 130 13.30 33.55 -28.57
CA GLU B 130 13.98 34.78 -28.15
C GLU B 130 13.50 35.93 -29.07
N ALA B 131 13.65 37.17 -28.58
CA ALA B 131 13.22 38.39 -29.27
C ALA B 131 14.31 39.42 -29.33
N ASP B 132 14.04 40.47 -30.11
CA ASP B 132 14.93 41.62 -30.40
C ASP B 132 16.40 41.36 -30.32
N ILE B 133 17.17 42.42 -30.38
CA ILE B 133 18.61 42.30 -30.34
C ILE B 133 19.17 43.10 -29.21
N SER B 134 18.57 44.26 -29.01
CA SER B 134 18.98 45.20 -28.02
C SER B 134 18.52 46.57 -28.45
N ASN B 135 17.25 46.93 -28.27
CA ASN B 135 16.90 48.31 -28.63
C ASN B 135 16.00 48.84 -27.54
N LEU B 136 15.74 47.96 -26.59
CA LEU B 136 14.94 48.18 -25.40
C LEU B 136 14.57 49.66 -25.23
N VAL B 137 13.41 50.00 -25.81
CA VAL B 137 12.84 51.35 -25.81
C VAL B 137 13.91 52.45 -25.47
N GLN B 138 14.88 52.60 -26.40
CA GLN B 138 15.93 53.58 -26.19
C GLN B 138 15.37 54.98 -26.17
N VAL B 139 14.78 55.40 -27.29
CA VAL B 139 14.23 56.76 -27.42
C VAL B 139 14.58 57.73 -26.26
N GLY B 140 14.05 57.50 -25.06
CA GLY B 140 14.37 58.34 -23.90
C GLY B 140 13.63 57.96 -22.62
N PRO B 141 14.04 56.87 -21.92
CA PRO B 141 13.43 56.37 -20.68
C PRO B 141 14.06 56.95 -19.40
N LEU B 142 15.10 57.76 -19.58
CA LEU B 142 15.83 58.41 -18.49
C LEU B 142 16.40 57.31 -17.56
N PRO B 143 15.73 56.93 -16.42
CA PRO B 143 16.38 55.86 -15.64
C PRO B 143 16.11 54.45 -16.24
N SER B 144 14.96 54.29 -16.92
CA SER B 144 14.56 53.02 -17.57
C SER B 144 13.73 52.03 -16.76
N ARG B 145 12.42 52.01 -17.00
CA ARG B 145 11.46 51.12 -16.30
C ARG B 145 10.88 50.12 -17.34
N LEU B 146 11.48 48.94 -17.36
CA LEU B 146 11.08 47.92 -18.31
C LEU B 146 9.79 47.14 -18.08
N ARG B 147 8.67 47.66 -18.59
CA ARG B 147 7.37 46.99 -18.48
C ARG B 147 7.10 45.88 -19.51
N ILE B 148 7.57 44.66 -19.29
CA ILE B 148 7.33 43.57 -20.27
C ILE B 148 5.99 42.78 -20.14
N THR B 149 5.24 42.65 -21.24
CA THR B 149 3.97 41.90 -21.19
C THR B 149 3.77 40.76 -22.21
N ILE B 150 3.01 39.74 -21.82
CA ILE B 150 2.75 38.58 -22.65
C ILE B 150 1.25 38.17 -22.64
N ALA B 151 0.84 37.42 -23.65
CA ALA B 151 -0.54 36.91 -23.77
C ALA B 151 -0.36 35.57 -24.42
N ILE B 152 -0.94 34.54 -23.83
CA ILE B 152 -0.82 33.23 -24.44
C ILE B 152 -2.21 32.64 -24.65
N ASN B 153 -2.41 32.02 -25.81
CA ASN B 153 -3.69 31.38 -26.04
C ASN B 153 -3.50 29.90 -25.72
N ASN B 154 -4.56 29.27 -25.22
CA ASN B 154 -4.53 27.85 -24.86
C ASN B 154 -5.34 26.97 -25.79
N THR B 155 -6.28 27.58 -26.52
CA THR B 155 -7.16 26.85 -27.42
C THR B 155 -6.38 26.03 -28.40
N LEU B 156 -6.66 24.74 -28.36
CA LEU B 156 -6.08 23.73 -29.24
C LEU B 156 -7.06 23.52 -30.41
N THR B 157 -6.52 23.36 -31.61
CA THR B 157 -7.31 23.17 -32.83
C THR B 157 -6.57 22.14 -33.71
N PRO B 158 -7.24 21.49 -34.70
CA PRO B 158 -6.58 20.49 -35.55
C PRO B 158 -5.26 20.87 -36.23
N THR B 159 -4.89 22.14 -36.12
CA THR B 159 -3.68 22.74 -36.68
C THR B 159 -2.58 22.65 -35.61
N THR B 160 -2.99 22.55 -34.34
CA THR B 160 -2.04 22.51 -33.24
C THR B 160 -1.41 21.14 -33.06
N LEU B 161 -0.50 21.04 -32.09
CA LEU B 161 0.22 19.79 -31.77
C LEU B 161 0.53 19.69 -30.25
N PRO B 162 -0.30 18.96 -29.47
CA PRO B 162 -1.53 18.22 -29.82
C PRO B 162 -2.68 19.04 -30.37
N PRO B 163 -3.43 18.45 -31.31
CA PRO B 163 -4.57 19.09 -31.93
C PRO B 163 -5.69 19.13 -30.91
N GLY B 164 -6.78 19.76 -31.28
CA GLY B 164 -7.90 19.87 -30.37
C GLY B 164 -9.10 20.25 -31.17
N THR B 165 -10.27 20.27 -30.53
CA THR B 165 -11.48 20.58 -31.25
C THR B 165 -12.43 21.33 -30.39
N ILE B 166 -12.80 22.53 -30.81
CA ILE B 166 -13.79 23.30 -30.04
C ILE B 166 -15.08 22.78 -30.61
N GLN B 167 -16.07 22.57 -29.75
CA GLN B 167 -17.35 22.05 -30.12
C GLN B 167 -18.34 22.85 -29.30
N TYR B 168 -19.01 23.79 -29.97
CA TYR B 168 -20.04 24.63 -29.35
C TYR B 168 -21.28 23.78 -29.23
N LEU B 169 -21.86 23.75 -28.04
CA LEU B 169 -23.05 22.96 -27.81
C LEU B 169 -24.23 23.88 -27.79
N THR B 170 -24.05 25.03 -27.14
CA THR B 170 -25.09 26.05 -26.99
C THR B 170 -26.39 25.46 -26.47
N ASP B 171 -27.42 26.28 -26.38
CA ASP B 171 -28.68 25.73 -25.91
C ASP B 171 -29.05 24.64 -26.90
N THR B 172 -29.31 23.46 -26.34
CA THR B 172 -29.69 22.26 -27.10
C THR B 172 -30.64 21.51 -26.20
N SER B 173 -31.39 22.30 -25.44
CA SER B 173 -32.35 21.81 -24.45
C SER B 173 -31.54 21.49 -23.16
N LYS B 174 -30.40 20.81 -23.36
CA LYS B 174 -29.46 20.42 -22.33
C LYS B 174 -28.50 21.51 -21.87
N TYR B 175 -27.96 22.27 -22.81
CA TYR B 175 -26.99 23.30 -22.46
C TYR B 175 -27.49 24.71 -22.43
N PRO B 176 -26.73 25.61 -21.74
CA PRO B 176 -27.12 27.02 -21.64
C PRO B 176 -27.00 27.68 -23.02
N LYS B 177 -27.50 28.91 -23.15
CA LYS B 177 -27.49 29.57 -24.45
C LYS B 177 -26.26 29.45 -25.31
N GLY B 178 -25.11 29.91 -24.82
CA GLY B 178 -23.92 29.82 -25.65
C GLY B 178 -22.82 28.95 -25.08
N TYR B 179 -23.14 27.68 -24.87
CA TYR B 179 -22.19 26.74 -24.29
C TYR B 179 -21.14 26.26 -25.30
N PHE B 180 -19.92 26.02 -24.82
CA PHE B 180 -18.83 25.52 -25.66
C PHE B 180 -17.78 24.83 -24.80
N VAL B 181 -17.07 23.86 -25.38
CA VAL B 181 -16.07 23.06 -24.65
C VAL B 181 -15.01 22.44 -25.55
N GLN B 182 -13.80 22.32 -25.01
CA GLN B 182 -12.63 21.80 -25.73
C GLN B 182 -12.51 20.29 -25.75
N ASN B 183 -12.34 19.75 -26.95
CA ASN B 183 -12.24 18.31 -27.15
C ASN B 183 -10.84 17.86 -27.39
N THR B 184 -10.30 17.15 -26.43
CA THR B 184 -8.95 16.67 -26.58
C THR B 184 -8.94 15.17 -26.83
N TYR B 185 -7.80 14.63 -27.22
CA TYR B 185 -7.70 13.21 -27.49
C TYR B 185 -6.39 12.67 -26.94
N PHE B 186 -5.68 13.47 -26.18
CA PHE B 186 -4.43 12.99 -25.61
C PHE B 186 -4.80 12.81 -24.14
N ASP B 187 -4.01 12.04 -23.43
CA ASP B 187 -4.36 11.76 -22.05
C ASP B 187 -3.56 12.46 -20.99
N PHE B 188 -3.79 13.76 -20.86
CA PHE B 188 -3.12 14.57 -19.87
C PHE B 188 -3.65 16.01 -19.90
N PHE B 189 -3.70 16.63 -18.72
CA PHE B 189 -4.25 17.97 -18.56
C PHE B 189 -3.66 19.07 -19.49
N ASN B 190 -4.53 19.88 -20.11
CA ASN B 190 -4.06 20.98 -20.94
C ASN B 190 -3.67 22.17 -20.09
N TYR B 191 -2.65 21.92 -19.30
CA TYR B 191 -2.08 22.88 -18.38
C TYR B 191 -1.50 24.01 -19.19
N ALA B 192 -1.98 25.21 -18.91
CA ALA B 192 -1.52 26.37 -19.64
C ALA B 192 -0.69 27.28 -18.75
N GLY B 193 -0.22 28.39 -19.30
CA GLY B 193 0.58 29.31 -18.52
C GLY B 193 2.00 29.41 -19.02
N LEU B 194 2.89 29.89 -18.14
CA LEU B 194 4.30 30.05 -18.44
C LEU B 194 5.17 29.34 -17.46
N GLN B 195 6.11 28.57 -17.96
CA GLN B 195 7.09 27.82 -17.16
C GLN B 195 8.49 27.83 -17.80
N ARG B 196 9.24 26.78 -17.49
CA ARG B 196 10.60 26.62 -17.96
C ARG B 196 11.47 27.82 -17.60
N SER B 197 11.58 28.80 -18.49
CA SER B 197 12.43 29.95 -18.22
C SER B 197 12.06 31.28 -18.85
N VAL B 198 11.98 32.32 -18.04
CA VAL B 198 11.79 33.63 -18.62
C VAL B 198 13.05 34.37 -18.17
N LEU B 199 13.74 34.98 -19.12
CA LEU B 199 14.96 35.70 -18.80
C LEU B 199 15.33 36.82 -19.79
N LEU B 200 16.50 37.40 -19.58
CA LEU B 200 17.05 38.49 -20.39
C LEU B 200 18.52 38.18 -20.61
N TYR B 201 18.86 37.69 -21.80
CA TYR B 201 20.23 37.35 -22.12
C TYR B 201 20.95 38.63 -22.54
N THR B 202 22.24 38.51 -22.89
CA THR B 202 23.08 39.65 -23.32
C THR B 202 24.30 39.13 -24.07
N THR B 203 24.54 39.71 -25.24
CA THR B 203 25.69 39.35 -26.08
C THR B 203 26.20 40.59 -26.78
N PRO B 204 27.51 40.67 -27.02
CA PRO B 204 28.16 41.81 -27.66
C PRO B 204 28.18 41.71 -29.16
N THR B 205 27.03 41.46 -29.75
CA THR B 205 26.92 41.31 -31.19
C THR B 205 27.93 40.25 -31.63
N THR B 206 28.12 40.08 -32.93
CA THR B 206 29.04 39.08 -33.50
C THR B 206 29.11 37.83 -32.62
N TYR B 207 27.93 37.49 -32.09
CA TYR B 207 27.69 36.38 -31.20
C TYR B 207 27.52 35.06 -31.87
N ILE B 208 27.99 34.02 -31.19
CA ILE B 208 27.86 32.67 -31.68
C ILE B 208 26.33 32.44 -31.83
N ASP B 209 25.92 31.76 -32.90
CA ASP B 209 24.51 31.47 -33.13
C ASP B 209 24.20 29.99 -33.25
N ASP B 210 25.24 29.17 -33.20
CA ASP B 210 25.05 27.73 -33.37
C ASP B 210 26.37 26.97 -33.33
N ILE B 211 26.53 26.02 -32.40
CA ILE B 211 27.78 25.27 -32.33
C ILE B 211 27.64 23.78 -32.67
N THR B 212 26.62 23.48 -33.47
CA THR B 212 26.31 22.12 -33.87
C THR B 212 27.48 21.15 -33.99
N VAL B 213 27.41 20.12 -33.16
CA VAL B 213 28.42 19.08 -33.18
C VAL B 213 27.74 17.73 -33.26
N THR B 214 28.52 16.74 -33.69
CA THR B 214 28.13 15.35 -33.82
C THR B 214 29.49 14.73 -33.55
N THR B 215 29.56 13.71 -32.70
CA THR B 215 30.84 13.11 -32.36
C THR B 215 30.91 11.65 -32.78
N SER B 216 31.66 11.42 -33.84
CA SER B 216 31.86 10.08 -34.34
C SER B 216 32.88 9.52 -33.39
N VAL B 217 33.20 8.25 -33.56
CA VAL B 217 34.19 7.53 -32.75
C VAL B 217 34.99 6.64 -33.72
N GLU B 218 36.24 6.38 -33.39
CA GLU B 218 37.07 5.54 -34.23
C GLU B 218 37.81 4.54 -33.35
N GLN B 219 39.11 4.73 -33.14
CA GLN B 219 39.85 3.79 -32.28
C GLN B 219 39.99 4.34 -30.87
N ASP B 220 39.57 5.58 -30.65
CA ASP B 220 39.72 6.17 -29.33
C ASP B 220 38.61 7.01 -28.74
N SER B 221 38.98 7.82 -27.76
CA SER B 221 38.04 8.67 -27.05
C SER B 221 37.16 9.58 -27.92
N GLY B 222 37.58 9.90 -29.14
CA GLY B 222 36.77 10.77 -29.98
C GLY B 222 37.13 11.11 -31.43
N LEU B 223 36.32 12.02 -31.97
CA LEU B 223 36.40 12.58 -33.31
C LEU B 223 35.31 13.66 -33.36
N VAL B 224 35.25 14.49 -32.32
CA VAL B 224 34.24 15.55 -32.26
C VAL B 224 34.19 16.38 -33.56
N ASN B 225 33.00 16.81 -33.97
CA ASN B 225 32.80 17.60 -35.20
C ASN B 225 32.31 19.03 -34.88
N TYR B 226 33.02 20.08 -35.32
CA TYR B 226 32.55 21.44 -35.00
C TYR B 226 32.19 22.38 -36.15
N GLN B 227 30.96 22.86 -36.14
CA GLN B 227 30.48 23.78 -37.15
C GLN B 227 29.72 24.85 -36.38
N ILE B 228 30.32 26.02 -36.35
CA ILE B 228 29.79 27.12 -35.58
C ILE B 228 29.11 28.16 -36.46
N SER B 229 28.31 29.04 -35.86
CA SER B 229 27.66 30.08 -36.61
C SER B 229 28.00 31.40 -35.89
N VAL B 230 27.87 32.55 -36.58
CA VAL B 230 28.19 33.85 -35.99
C VAL B 230 27.17 34.88 -36.50
N LYS B 231 27.30 36.16 -36.13
CA LYS B 231 26.37 37.21 -36.59
C LYS B 231 26.72 38.64 -36.13
N GLY B 232 27.52 39.35 -36.93
CA GLY B 232 27.93 40.70 -36.55
C GLY B 232 28.19 41.69 -37.68
N SER B 233 29.37 42.31 -37.68
CA SER B 233 29.74 43.29 -38.72
C SER B 233 31.24 43.41 -39.06
N ASN B 234 31.45 43.85 -40.30
CA ASN B 234 32.73 44.06 -40.95
C ASN B 234 33.59 42.80 -41.12
N LEU B 235 33.85 42.09 -40.02
CA LEU B 235 34.59 40.82 -40.06
C LEU B 235 34.75 40.14 -38.69
N PHE B 236 35.58 39.10 -38.67
CA PHE B 236 35.86 38.32 -37.46
C PHE B 236 36.83 37.18 -37.71
N LYS B 237 37.02 36.41 -36.65
CA LYS B 237 37.88 35.22 -36.59
C LYS B 237 37.41 34.58 -35.28
N LEU B 238 37.87 33.37 -34.99
CA LEU B 238 37.50 32.67 -33.76
C LEU B 238 38.01 31.27 -33.80
N GLU B 239 38.39 30.75 -32.65
CA GLU B 239 38.86 29.37 -32.56
C GLU B 239 38.15 28.65 -31.41
N VAL B 240 38.21 27.33 -31.44
CA VAL B 240 37.58 26.47 -30.42
C VAL B 240 38.63 25.54 -29.77
N ARG B 241 38.22 24.81 -28.74
CA ARG B 241 39.11 23.88 -28.00
C ARG B 241 38.35 22.87 -27.13
N LEU B 242 38.92 21.68 -26.99
CA LEU B 242 38.29 20.65 -26.20
C LEU B 242 39.13 20.44 -24.97
N LEU B 243 38.45 20.65 -23.84
CA LEU B 243 38.98 20.56 -22.47
C LEU B 243 38.21 19.41 -21.77
N ASP B 244 38.93 18.37 -21.34
CA ASP B 244 38.31 17.24 -20.66
C ASP B 244 37.81 17.54 -19.22
N ALA B 245 37.83 16.52 -18.35
CA ALA B 245 37.39 16.59 -16.94
C ALA B 245 37.81 17.78 -16.06
N GLU B 246 38.86 18.49 -16.43
CA GLU B 246 39.26 19.68 -15.68
C GLU B 246 39.93 20.47 -16.78
N ASN B 247 39.62 21.76 -16.86
CA ASN B 247 40.15 22.67 -17.90
C ASN B 247 41.53 22.29 -18.44
N LYS B 248 41.54 21.30 -19.33
CA LYS B 248 42.76 20.79 -19.96
C LYS B 248 42.56 20.87 -21.46
N VAL B 249 42.58 22.10 -21.97
CA VAL B 249 42.43 22.36 -23.41
C VAL B 249 43.39 21.46 -24.13
N VAL B 250 42.86 20.58 -24.98
CA VAL B 250 43.68 19.62 -25.69
C VAL B 250 43.11 19.19 -27.06
N ALA B 251 42.65 20.17 -27.84
CA ALA B 251 42.12 19.91 -29.18
C ALA B 251 42.54 21.02 -30.15
N ASN B 252 42.11 22.24 -29.84
CA ASN B 252 42.45 23.44 -30.63
C ASN B 252 41.86 23.36 -32.04
N GLY B 253 41.00 24.32 -32.37
CA GLY B 253 40.39 24.28 -33.68
C GLY B 253 40.00 25.57 -34.41
N THR B 254 39.87 25.36 -35.73
CA THR B 254 39.52 26.32 -36.76
C THR B 254 38.64 27.50 -36.36
N GLY B 255 37.42 27.57 -36.90
CA GLY B 255 36.51 28.65 -36.56
C GLY B 255 35.09 28.25 -36.95
N THR B 256 34.40 29.13 -37.67
CA THR B 256 33.06 28.88 -38.18
C THR B 256 33.18 27.75 -39.24
N GLN B 257 33.24 26.51 -38.73
CA GLN B 257 33.38 25.25 -39.47
C GLN B 257 34.62 24.46 -38.96
N GLY B 258 34.53 23.13 -38.85
CA GLY B 258 35.69 22.34 -38.42
C GLY B 258 35.44 20.85 -38.08
N GLN B 259 36.47 20.21 -37.53
CA GLN B 259 36.41 18.83 -37.10
C GLN B 259 37.62 18.61 -36.23
N LEU B 260 37.51 17.75 -35.21
CA LEU B 260 38.61 17.51 -34.27
C LEU B 260 38.78 16.08 -33.71
N LYS B 261 39.99 15.54 -33.84
CA LYS B 261 40.34 14.21 -33.35
C LYS B 261 40.69 14.28 -31.88
N VAL B 262 40.71 13.12 -31.23
CA VAL B 262 40.99 12.95 -29.81
C VAL B 262 41.31 11.45 -29.61
N PRO B 263 42.49 11.09 -29.07
CA PRO B 263 42.91 9.69 -28.81
C PRO B 263 42.44 9.23 -27.45
N GLY B 264 43.08 8.20 -26.91
CA GLY B 264 42.71 7.66 -25.61
C GLY B 264 41.33 7.00 -25.61
N VAL B 265 40.48 7.33 -24.61
CA VAL B 265 39.09 6.84 -24.43
C VAL B 265 38.43 7.68 -23.30
N SER B 266 37.18 8.07 -23.52
CA SER B 266 36.35 8.85 -22.58
C SER B 266 35.09 9.31 -23.32
N LEU B 267 34.36 8.31 -23.78
CA LEU B 267 33.14 8.51 -24.54
C LEU B 267 32.01 9.12 -23.66
N TRP B 268 30.88 8.42 -23.53
CA TRP B 268 29.77 8.86 -22.69
C TRP B 268 28.92 7.65 -22.42
N TRP B 269 29.29 6.87 -21.43
CA TRP B 269 28.49 5.71 -21.13
C TRP B 269 27.24 6.17 -20.34
N PRO B 270 26.13 5.41 -20.43
CA PRO B 270 24.90 5.75 -19.71
C PRO B 270 24.91 5.00 -18.40
N TYR B 271 24.37 5.63 -17.37
CA TYR B 271 24.28 5.06 -16.02
C TYR B 271 23.85 3.59 -16.02
N LEU B 272 24.77 2.67 -16.30
CA LEU B 272 24.46 1.24 -16.34
C LEU B 272 25.66 0.55 -16.94
N MET B 273 26.21 1.15 -17.99
CA MET B 273 27.35 0.60 -18.70
C MET B 273 28.73 1.14 -18.30
N HIS B 274 29.58 0.20 -17.92
CA HIS B 274 30.94 0.52 -17.57
C HIS B 274 31.15 1.40 -16.32
N GLU B 275 32.40 1.43 -15.88
CA GLU B 275 32.90 2.19 -14.74
C GLU B 275 32.20 3.55 -14.48
N ARG B 276 32.72 4.63 -15.06
CA ARG B 276 32.17 5.98 -14.88
C ARG B 276 31.18 6.33 -15.99
N PRO B 277 29.92 6.66 -15.63
CA PRO B 277 28.86 7.02 -16.58
C PRO B 277 29.03 8.30 -17.43
N ALA B 278 27.96 9.07 -17.58
CA ALA B 278 27.99 10.26 -18.41
C ALA B 278 29.24 11.11 -18.36
N TYR B 279 30.26 10.69 -19.12
CA TYR B 279 31.52 11.42 -19.22
C TYR B 279 31.28 12.57 -20.18
N LEU B 280 31.62 13.78 -19.79
CA LEU B 280 31.39 14.89 -20.67
C LEU B 280 32.69 15.64 -20.84
N TYR B 281 32.81 16.27 -22.01
CA TYR B 281 33.94 17.10 -22.38
C TYR B 281 33.37 18.50 -22.29
N SER B 282 34.01 19.45 -22.92
CA SER B 282 33.56 20.84 -22.93
C SER B 282 34.30 21.51 -24.08
N LEU B 283 33.56 22.13 -24.99
CA LEU B 283 34.22 22.77 -26.10
C LEU B 283 34.13 24.23 -25.74
N GLU B 284 35.29 24.87 -25.60
CA GLU B 284 35.27 26.30 -25.29
C GLU B 284 35.50 27.05 -26.59
N VAL B 285 34.51 27.84 -26.99
CA VAL B 285 34.66 28.62 -28.20
C VAL B 285 35.18 30.02 -27.84
N GLN B 286 36.02 30.56 -28.71
CA GLN B 286 36.56 31.89 -28.53
C GLN B 286 36.46 32.62 -29.88
N LEU B 287 35.53 33.57 -29.95
CA LEU B 287 35.28 34.36 -31.16
C LEU B 287 36.08 35.63 -31.06
N THR B 288 36.19 36.34 -32.18
CA THR B 288 36.91 37.62 -32.25
C THR B 288 36.35 38.36 -33.46
N ALA B 289 35.92 39.60 -33.27
CA ALA B 289 35.38 40.35 -34.40
C ALA B 289 35.64 41.82 -34.23
N GLN B 290 36.08 42.46 -35.32
CA GLN B 290 36.44 43.89 -35.28
C GLN B 290 35.42 44.84 -35.94
N THR B 291 34.14 44.55 -35.73
CA THR B 291 33.04 45.35 -36.26
C THR B 291 33.17 46.82 -35.84
N SER B 292 32.09 47.58 -35.98
CA SER B 292 32.06 48.98 -35.58
C SER B 292 32.57 48.99 -34.13
N LEU B 293 32.90 50.17 -33.63
CA LEU B 293 33.37 50.28 -32.26
C LEU B 293 34.70 49.52 -32.03
N GLY B 294 34.75 48.21 -32.24
CA GLY B 294 36.01 47.55 -32.02
C GLY B 294 35.97 46.04 -31.97
N PRO B 295 37.11 45.41 -31.68
CA PRO B 295 37.40 43.96 -31.56
C PRO B 295 36.80 43.25 -30.32
N VAL B 296 35.74 42.47 -30.54
CA VAL B 296 35.09 41.75 -29.46
C VAL B 296 35.26 40.22 -29.42
N SER B 297 35.88 39.76 -28.34
CA SER B 297 36.10 38.34 -28.12
C SER B 297 34.78 37.82 -27.53
N ASP B 298 34.47 36.56 -27.83
CA ASP B 298 33.25 35.90 -27.32
C ASP B 298 33.50 34.46 -27.01
N PHE B 299 32.70 33.97 -26.08
CA PHE B 299 32.86 32.58 -25.67
C PHE B 299 31.53 31.89 -25.42
N TYR B 300 31.63 30.58 -25.40
CA TYR B 300 30.51 29.72 -25.15
C TYR B 300 31.18 28.37 -25.04
N THR B 301 30.61 27.56 -24.16
CA THR B 301 31.15 26.25 -23.97
C THR B 301 29.95 25.31 -24.15
N LEU B 302 30.25 24.04 -24.42
CA LEU B 302 29.21 23.06 -24.64
C LEU B 302 29.81 21.70 -24.30
N PRO B 303 29.14 20.96 -23.42
CA PRO B 303 29.60 19.64 -23.00
C PRO B 303 29.49 18.67 -24.17
N VAL B 304 30.41 17.72 -24.24
CA VAL B 304 30.36 16.77 -25.36
C VAL B 304 30.67 15.30 -24.97
N GLY B 305 29.65 14.47 -25.05
CA GLY B 305 29.79 13.07 -24.74
C GLY B 305 30.15 12.43 -26.07
N ILE B 306 31.25 11.69 -26.10
CA ILE B 306 31.66 11.07 -27.32
C ILE B 306 30.90 9.78 -27.32
N ARG B 307 30.23 9.41 -28.41
CA ARG B 307 29.47 8.15 -28.49
C ARG B 307 28.70 7.95 -29.80
N THR B 308 28.63 6.68 -30.25
CA THR B 308 27.90 6.30 -31.48
C THR B 308 26.52 5.69 -31.12
N VAL B 309 25.49 6.06 -31.87
CA VAL B 309 24.15 5.57 -31.62
C VAL B 309 23.62 4.81 -32.86
N ALA B 310 24.04 3.57 -33.02
CA ALA B 310 23.64 2.78 -34.18
C ALA B 310 22.35 2.04 -33.97
N VAL B 311 21.99 1.20 -34.95
CA VAL B 311 20.78 0.38 -34.88
C VAL B 311 20.75 -0.73 -35.95
N THR B 312 20.70 -1.96 -35.47
CA THR B 312 20.68 -3.16 -36.30
C THR B 312 19.25 -3.52 -36.74
N LYS B 313 19.09 -4.77 -37.15
CA LYS B 313 17.79 -5.28 -37.56
C LYS B 313 17.21 -6.00 -36.34
N SER B 314 18.06 -6.14 -35.31
CA SER B 314 17.71 -6.80 -34.03
C SER B 314 18.27 -6.13 -32.75
N GLN B 315 18.92 -4.97 -32.87
CA GLN B 315 19.45 -4.28 -31.68
C GLN B 315 19.84 -2.82 -31.79
N PHE B 316 19.81 -2.16 -30.63
CA PHE B 316 20.17 -0.77 -30.51
C PHE B 316 21.62 -0.74 -30.08
N LEU B 317 22.49 -0.11 -30.85
CA LEU B 317 23.91 -0.07 -30.50
C LEU B 317 24.38 1.27 -29.95
N ILE B 318 25.05 1.20 -28.79
CA ILE B 318 25.66 2.37 -28.16
C ILE B 318 27.16 2.12 -27.99
N ASN B 319 27.94 2.83 -28.81
CA ASN B 319 29.39 2.72 -28.83
C ASN B 319 29.73 1.28 -29.23
N GLY B 320 28.90 0.73 -30.13
CA GLY B 320 29.10 -0.64 -30.60
C GLY B 320 28.60 -1.76 -29.68
N LYS B 321 28.56 -1.51 -28.37
CA LYS B 321 28.06 -2.51 -27.43
C LYS B 321 26.54 -2.38 -27.41
N PRO B 322 25.83 -3.50 -27.72
CA PRO B 322 24.37 -3.57 -27.75
C PRO B 322 23.78 -2.99 -26.49
N PHE B 323 22.74 -2.20 -26.61
CA PHE B 323 22.12 -1.55 -25.47
C PHE B 323 20.76 -2.17 -25.15
N TYR B 324 20.10 -1.68 -24.09
CA TYR B 324 18.76 -2.13 -23.67
C TYR B 324 18.12 -1.10 -22.71
N PHE B 325 17.10 -0.39 -23.18
CA PHE B 325 16.39 0.60 -22.36
C PHE B 325 15.61 -0.09 -21.24
N HIS B 326 15.80 0.34 -20.01
CA HIS B 326 15.01 -0.21 -18.92
C HIS B 326 14.69 0.96 -18.09
N GLY B 327 13.73 1.74 -18.55
CA GLY B 327 13.40 2.93 -17.83
C GLY B 327 11.94 3.16 -17.63
N VAL B 328 11.52 4.40 -17.87
CA VAL B 328 10.16 4.79 -17.64
C VAL B 328 9.69 5.87 -18.62
N ASN B 329 8.42 6.24 -18.54
CA ASN B 329 7.83 7.31 -19.35
C ASN B 329 7.46 8.27 -18.22
N LYS B 330 7.78 9.55 -18.35
CA LYS B 330 7.44 10.51 -17.32
C LYS B 330 6.43 11.52 -17.76
N HIS B 331 6.42 12.66 -17.07
CA HIS B 331 5.53 13.78 -17.33
C HIS B 331 5.98 15.01 -16.55
N GLU B 332 5.51 16.17 -16.97
CA GLU B 332 5.82 17.45 -16.36
C GLU B 332 4.58 17.83 -15.63
N ASP B 333 4.39 17.19 -14.48
CA ASP B 333 3.20 17.42 -13.70
C ASP B 333 3.48 17.40 -12.19
N ALA B 334 3.10 18.45 -11.49
CA ALA B 334 3.35 18.47 -10.08
C ALA B 334 2.13 19.03 -9.41
N ASP B 335 2.11 18.97 -8.08
CA ASP B 335 0.98 19.51 -7.35
C ASP B 335 1.10 21.03 -7.38
N ILE B 336 -0.04 21.72 -7.33
CA ILE B 336 -0.10 23.19 -7.33
C ILE B 336 0.47 23.84 -8.60
N ARG B 337 1.75 23.59 -8.86
CA ARG B 337 2.47 24.12 -10.02
C ARG B 337 2.16 23.48 -11.37
N GLY B 338 1.51 22.32 -11.35
CA GLY B 338 1.18 21.61 -12.57
C GLY B 338 2.44 21.47 -13.38
N LYS B 339 2.32 21.88 -14.65
CA LYS B 339 3.41 21.84 -15.63
C LYS B 339 4.67 22.54 -15.15
N GLY B 340 4.49 23.38 -14.12
CA GLY B 340 5.59 24.12 -13.52
C GLY B 340 6.88 23.38 -13.42
N PHE B 341 7.97 24.15 -13.30
CA PHE B 341 9.35 23.66 -13.25
C PHE B 341 10.09 24.10 -11.99
N ASP B 342 10.87 23.19 -11.43
CA ASP B 342 11.71 23.54 -10.27
C ASP B 342 12.76 22.49 -10.05
N TRP B 343 13.91 22.89 -9.48
CA TRP B 343 14.99 21.93 -9.23
C TRP B 343 14.77 20.92 -8.11
N PRO B 344 13.97 21.29 -7.07
CA PRO B 344 13.71 20.37 -5.95
C PRO B 344 13.07 19.07 -6.46
N LEU B 345 11.99 19.21 -7.23
CA LEU B 345 11.32 18.04 -7.80
C LEU B 345 12.20 17.47 -8.86
N LEU B 346 12.94 18.34 -9.54
CA LEU B 346 13.82 17.90 -10.61
C LEU B 346 14.86 16.98 -10.05
N VAL B 347 15.51 17.43 -9.01
CA VAL B 347 16.55 16.59 -8.40
C VAL B 347 15.99 15.31 -7.77
N LYS B 348 14.83 15.43 -7.12
CA LYS B 348 14.19 14.33 -6.44
C LYS B 348 13.94 13.20 -7.45
N ASP B 349 13.40 13.60 -8.60
CA ASP B 349 13.08 12.75 -9.72
C ASP B 349 14.31 12.03 -10.20
N PHE B 350 15.41 12.74 -10.43
CA PHE B 350 16.60 12.05 -10.89
C PHE B 350 17.18 11.09 -9.87
N ASN B 351 16.77 11.30 -8.63
CA ASN B 351 17.18 10.50 -7.49
C ASN B 351 16.42 9.19 -7.47
N LEU B 352 15.12 9.26 -7.75
CA LEU B 352 14.25 8.06 -7.84
C LEU B 352 14.59 7.27 -9.11
N LEU B 353 14.99 8.00 -10.15
CA LEU B 353 15.40 7.47 -11.44
C LEU B 353 16.66 6.60 -11.29
N ARG B 354 17.70 7.11 -10.62
CA ARG B 354 18.92 6.32 -10.42
C ARG B 354 18.56 5.23 -9.42
N TRP B 355 17.61 5.56 -8.54
CA TRP B 355 17.11 4.64 -7.51
C TRP B 355 16.53 3.32 -8.08
N LEU B 356 15.61 3.45 -9.04
CA LEU B 356 14.94 2.32 -9.70
C LEU B 356 15.85 1.49 -10.52
N GLY B 357 16.86 2.19 -11.02
CA GLY B 357 17.83 1.58 -11.90
C GLY B 357 17.37 1.90 -13.32
N ALA B 358 16.52 2.91 -13.45
CA ALA B 358 16.00 3.34 -14.75
C ALA B 358 17.13 4.07 -15.43
N ASN B 359 17.65 3.46 -16.49
CA ASN B 359 18.73 4.08 -17.24
C ASN B 359 18.22 4.59 -18.60
N ALA B 360 16.97 5.02 -18.61
CA ALA B 360 16.34 5.50 -19.83
C ALA B 360 14.99 6.12 -19.54
N PHE B 361 14.52 6.99 -20.40
CA PHE B 361 13.21 7.53 -20.17
C PHE B 361 12.82 8.32 -21.40
N ARG B 362 11.53 8.26 -21.78
CA ARG B 362 11.00 8.97 -22.93
C ARG B 362 10.37 10.26 -22.48
N THR B 363 10.48 11.31 -23.29
CA THR B 363 9.91 12.58 -22.89
C THR B 363 8.45 12.65 -23.31
N SER B 364 7.68 11.75 -22.71
CA SER B 364 6.28 11.63 -22.98
C SER B 364 5.41 12.78 -23.48
N HIS B 365 5.19 12.72 -24.78
CA HIS B 365 4.28 13.60 -25.53
C HIS B 365 4.65 15.04 -25.78
N TYR B 366 5.88 15.41 -25.38
CA TYR B 366 6.43 16.76 -25.60
C TYR B 366 7.90 16.86 -25.15
N PRO B 367 8.60 17.94 -25.57
CA PRO B 367 9.99 18.13 -25.18
C PRO B 367 9.86 18.81 -23.85
N TYR B 368 10.64 18.35 -22.89
CA TYR B 368 10.60 18.88 -21.53
C TYR B 368 11.27 20.24 -21.38
N ALA B 369 11.84 20.45 -20.21
CA ALA B 369 12.54 21.65 -19.87
C ALA B 369 14.01 21.15 -19.75
N GLU B 370 14.83 21.76 -18.87
CA GLU B 370 16.27 21.39 -18.68
C GLU B 370 16.67 20.09 -17.96
N GLU B 371 15.87 19.04 -18.15
CA GLU B 371 16.20 17.76 -17.55
C GLU B 371 17.21 17.20 -18.53
N VAL B 372 17.08 17.60 -19.80
CA VAL B 372 17.98 17.12 -20.85
C VAL B 372 19.40 17.51 -20.51
N MET B 373 19.55 18.70 -19.94
CA MET B 373 20.88 19.14 -19.54
C MET B 373 21.37 18.16 -18.48
N GLN B 374 20.41 17.73 -17.65
CA GLN B 374 20.62 16.76 -16.58
C GLN B 374 20.96 15.34 -17.03
N MET B 375 20.26 14.80 -18.03
CA MET B 375 20.53 13.42 -18.51
C MET B 375 21.95 13.31 -19.02
N CYS B 376 22.40 14.35 -19.74
CA CYS B 376 23.78 14.40 -20.27
C CYS B 376 24.64 14.52 -19.03
N ASP B 377 24.26 15.49 -18.19
CA ASP B 377 24.93 15.78 -16.93
C ASP B 377 25.13 14.49 -16.17
N ARG B 378 26.31 14.38 -15.55
CA ARG B 378 26.82 13.25 -14.74
C ARG B 378 25.90 12.08 -14.37
N TYR B 379 25.01 11.70 -15.28
CA TYR B 379 24.01 10.69 -15.05
C TYR B 379 24.11 9.58 -16.09
N GLY B 380 23.78 9.87 -17.33
CA GLY B 380 23.85 8.83 -18.34
C GLY B 380 22.52 8.11 -18.44
N ILE B 381 21.48 8.90 -18.65
CA ILE B 381 20.12 8.45 -18.77
C ILE B 381 19.75 8.76 -20.22
N VAL B 382 19.78 7.71 -21.04
CA VAL B 382 19.50 7.75 -22.49
C VAL B 382 18.04 8.06 -22.76
N VAL B 383 17.79 9.26 -23.28
CA VAL B 383 16.44 9.71 -23.55
C VAL B 383 15.95 9.45 -24.98
N ILE B 384 14.62 9.46 -25.16
CA ILE B 384 13.94 9.30 -26.47
C ILE B 384 13.24 10.64 -26.56
N ASP B 385 13.85 11.51 -27.34
CA ASP B 385 13.32 12.85 -27.46
C ASP B 385 11.99 12.90 -28.19
N GLU B 386 10.93 13.23 -27.47
CA GLU B 386 9.65 13.22 -28.12
C GLU B 386 8.89 14.50 -28.32
N CYS B 387 8.65 14.80 -29.59
CA CYS B 387 7.88 15.95 -30.05
C CYS B 387 6.41 15.71 -29.62
N PRO B 388 5.59 16.77 -29.58
CA PRO B 388 4.22 16.54 -29.18
C PRO B 388 3.51 15.70 -30.26
N GLY B 389 2.37 16.18 -30.75
CA GLY B 389 1.69 15.41 -31.76
C GLY B 389 1.26 14.06 -31.21
N VAL B 390 0.32 14.11 -30.27
CA VAL B 390 -0.21 12.91 -29.63
C VAL B 390 -1.72 12.67 -29.92
N GLY B 391 -2.54 13.69 -29.73
CA GLY B 391 -3.97 13.52 -30.02
C GLY B 391 -4.39 13.48 -31.49
N LEU B 392 -3.61 12.81 -32.34
CA LEU B 392 -3.89 12.71 -33.78
C LEU B 392 -4.88 11.55 -34.03
N ALA B 393 -6.07 11.72 -33.44
CA ALA B 393 -7.20 10.80 -33.45
C ALA B 393 -8.10 10.87 -34.70
N LEU B 394 -8.61 12.08 -34.96
CA LEU B 394 -9.51 12.34 -36.09
C LEU B 394 -8.78 12.53 -37.43
N PRO B 395 -9.43 12.12 -38.54
CA PRO B 395 -8.76 12.29 -39.84
C PRO B 395 -8.70 13.79 -40.22
N GLN B 396 -9.45 14.58 -39.45
CA GLN B 396 -9.54 16.02 -39.62
C GLN B 396 -8.13 16.57 -39.39
N PHE B 397 -7.50 16.03 -38.37
CA PHE B 397 -6.19 16.43 -37.96
C PHE B 397 -5.17 15.99 -38.97
N PHE B 398 -5.62 15.59 -40.16
CA PHE B 398 -4.67 15.16 -41.19
C PHE B 398 -4.47 16.04 -42.44
N ASN B 399 -4.87 17.30 -42.37
CA ASN B 399 -4.66 18.20 -43.52
C ASN B 399 -3.20 18.58 -43.74
N ASN B 400 -2.90 19.08 -44.95
CA ASN B 400 -1.55 19.51 -45.30
C ASN B 400 -1.07 20.63 -44.41
N VAL B 401 -1.96 21.59 -44.11
CA VAL B 401 -1.66 22.75 -43.25
C VAL B 401 -0.92 22.31 -42.00
N SER B 402 -1.56 21.42 -41.25
CA SER B 402 -1.02 20.84 -40.02
C SER B 402 0.11 19.86 -40.30
N LEU B 403 0.06 19.13 -41.41
CA LEU B 403 1.15 18.20 -41.75
C LEU B 403 2.41 19.03 -41.82
N HIS B 404 2.23 20.23 -42.37
CA HIS B 404 3.30 21.18 -42.54
C HIS B 404 3.67 21.78 -41.18
N HIS B 405 2.66 22.02 -40.33
CA HIS B 405 2.88 22.54 -38.97
C HIS B 405 3.75 21.60 -38.16
N HIS B 406 3.39 20.33 -38.16
CA HIS B 406 4.14 19.30 -37.46
C HIS B 406 5.52 19.43 -38.02
N MET B 407 5.57 19.53 -39.34
CA MET B 407 6.82 19.66 -40.12
C MET B 407 7.75 20.71 -39.56
N GLN B 408 7.18 21.83 -39.13
CA GLN B 408 7.93 22.93 -38.53
C GLN B 408 8.53 22.55 -37.14
N VAL B 409 7.69 21.97 -36.28
CA VAL B 409 8.20 21.63 -34.99
C VAL B 409 9.37 20.68 -35.05
N MET B 410 9.39 19.70 -35.93
CA MET B 410 10.56 18.84 -35.86
C MET B 410 11.88 19.61 -36.07
N GLU B 411 11.80 20.79 -36.69
CA GLU B 411 12.99 21.62 -36.87
C GLU B 411 13.37 22.21 -35.50
N GLU B 412 12.40 22.91 -34.88
CA GLU B 412 12.55 23.53 -33.55
C GLU B 412 13.14 22.54 -32.49
N VAL B 413 12.61 21.32 -32.47
CA VAL B 413 12.99 20.29 -31.51
C VAL B 413 14.39 19.72 -31.68
N VAL B 414 14.84 19.58 -32.92
CA VAL B 414 16.18 19.07 -33.20
C VAL B 414 17.13 20.27 -33.06
N ARG B 415 16.58 21.45 -33.37
CA ARG B 415 17.27 22.75 -33.30
C ARG B 415 17.45 23.13 -31.85
N ARG B 416 16.88 22.32 -30.96
CA ARG B 416 16.96 22.55 -29.54
C ARG B 416 17.74 21.44 -28.83
N ASP B 417 17.75 20.24 -29.40
CA ASP B 417 18.45 19.13 -28.77
C ASP B 417 19.55 18.37 -29.55
N LYS B 418 19.90 18.87 -30.74
CA LYS B 418 20.93 18.28 -31.62
C LYS B 418 22.19 17.76 -30.91
N ASN B 419 22.72 18.60 -30.05
CA ASN B 419 23.97 18.34 -29.31
C ASN B 419 23.94 17.43 -28.09
N HIS B 420 22.82 17.39 -27.36
CA HIS B 420 22.69 16.55 -26.13
C HIS B 420 23.01 15.09 -26.40
N PRO B 421 24.10 14.55 -25.82
CA PRO B 421 24.43 13.14 -26.07
C PRO B 421 23.27 12.22 -25.65
N ALA B 422 22.57 12.65 -24.59
CA ALA B 422 21.45 11.93 -24.01
C ALA B 422 20.43 11.45 -25.02
N VAL B 423 19.86 12.38 -25.81
CA VAL B 423 18.81 12.09 -26.83
C VAL B 423 19.05 11.11 -27.97
N VAL B 424 19.26 9.84 -27.59
CA VAL B 424 19.52 8.73 -28.49
C VAL B 424 18.59 8.56 -29.70
N MET B 425 17.38 9.12 -29.64
CA MET B 425 16.45 8.98 -30.74
C MET B 425 15.23 9.91 -30.69
N TRP B 426 14.77 10.24 -31.90
CA TRP B 426 13.61 11.11 -32.07
C TRP B 426 12.40 10.26 -32.18
N SER B 427 11.25 10.82 -31.81
CA SER B 427 9.99 10.10 -31.86
C SER B 427 9.08 11.16 -32.41
N VAL B 428 8.55 10.94 -33.61
CA VAL B 428 7.70 11.97 -34.21
C VAL B 428 6.31 12.17 -33.68
N ALA B 429 5.72 11.11 -33.13
CA ALA B 429 4.37 11.19 -32.54
C ALA B 429 4.05 10.02 -31.63
N ASN B 430 2.86 10.08 -31.04
CA ASN B 430 2.40 9.04 -30.13
C ASN B 430 0.96 8.66 -30.37
N GLU B 431 0.74 7.35 -30.48
CA GLU B 431 -0.57 6.79 -30.69
C GLU B 431 -1.49 7.62 -31.57
N PRO B 432 -1.04 7.94 -32.81
CA PRO B 432 -1.84 8.71 -33.78
C PRO B 432 -2.66 7.66 -34.60
N ALA B 433 -3.65 8.09 -35.37
CA ALA B 433 -4.48 7.17 -36.18
C ALA B 433 -3.68 6.57 -37.38
N SER B 434 -2.64 5.83 -37.04
CA SER B 434 -1.74 5.21 -37.98
C SER B 434 -2.40 4.16 -38.85
N HIS B 435 -3.62 3.81 -38.51
CA HIS B 435 -4.33 2.82 -39.28
C HIS B 435 -4.90 3.43 -40.54
N LEU B 436 -4.56 4.69 -40.77
CA LEU B 436 -5.04 5.40 -41.96
C LEU B 436 -3.87 5.50 -42.98
N GLU B 437 -4.20 5.37 -44.27
CA GLU B 437 -3.22 5.46 -45.38
C GLU B 437 -2.73 6.90 -45.48
N SER B 438 -3.63 7.85 -45.24
CA SER B 438 -3.26 9.26 -45.28
C SER B 438 -2.26 9.50 -44.13
N ALA B 439 -2.56 9.00 -42.94
CA ALA B 439 -1.63 9.15 -41.81
C ALA B 439 -0.32 8.45 -42.12
N GLY B 440 -0.39 7.30 -42.75
CA GLY B 440 0.84 6.60 -43.09
C GLY B 440 1.68 7.41 -44.04
N TYR B 441 1.11 8.49 -44.59
CA TYR B 441 1.83 9.35 -45.51
C TYR B 441 2.31 10.64 -44.84
N TYR B 442 1.52 11.09 -43.88
CA TYR B 442 1.82 12.25 -43.09
C TYR B 442 3.09 11.80 -42.36
N LEU B 443 2.97 10.75 -41.56
CA LEU B 443 4.11 10.23 -40.81
C LEU B 443 5.26 9.94 -41.77
N LYS B 444 4.96 9.60 -43.01
CA LYS B 444 6.00 9.33 -44.04
C LYS B 444 6.89 10.57 -44.25
N MET B 445 6.25 11.71 -44.55
CA MET B 445 6.95 12.95 -44.78
C MET B 445 7.83 13.39 -43.61
N VAL B 446 7.29 13.39 -42.37
CA VAL B 446 8.06 13.80 -41.17
C VAL B 446 9.17 12.82 -40.76
N ILE B 447 8.93 11.52 -40.80
CA ILE B 447 9.98 10.57 -40.44
C ILE B 447 11.14 10.89 -41.40
N ALA B 448 10.76 11.18 -42.64
CA ALA B 448 11.73 11.52 -43.69
C ALA B 448 12.47 12.82 -43.39
N HIS B 449 11.70 13.89 -43.22
CA HIS B 449 12.24 15.20 -42.89
C HIS B 449 13.14 15.24 -41.65
N THR B 450 12.75 14.52 -40.59
CA THR B 450 13.51 14.47 -39.34
C THR B 450 14.91 13.96 -39.58
N LYS B 451 15.04 13.02 -40.49
CA LYS B 451 16.32 12.45 -40.83
C LYS B 451 17.08 13.34 -41.84
N SER B 452 16.41 14.40 -42.30
CA SER B 452 16.98 15.39 -43.22
C SER B 452 17.31 16.60 -42.35
N LEU B 453 17.37 16.35 -41.04
CA LEU B 453 17.67 17.33 -40.02
C LEU B 453 18.70 16.74 -39.05
N ASP B 454 18.75 15.41 -38.92
CA ASP B 454 19.67 14.80 -37.98
C ASP B 454 19.98 13.33 -38.31
N PRO B 455 20.92 13.09 -39.22
CA PRO B 455 21.26 11.71 -39.55
C PRO B 455 22.14 11.06 -38.50
N SER B 456 22.19 11.63 -37.28
CA SER B 456 23.01 11.06 -36.21
C SER B 456 22.35 10.03 -35.29
N ARG B 457 21.02 9.90 -35.39
CA ARG B 457 20.24 8.98 -34.54
C ARG B 457 18.92 8.63 -35.18
N PRO B 458 18.38 7.44 -34.86
CA PRO B 458 17.11 6.92 -35.38
C PRO B 458 15.89 7.80 -35.21
N VAL B 459 14.82 7.38 -35.89
CA VAL B 459 13.52 8.03 -35.79
C VAL B 459 12.45 6.97 -35.60
N THR B 460 11.40 7.36 -34.88
CA THR B 460 10.31 6.46 -34.57
C THR B 460 9.04 7.22 -34.14
N PHE B 461 7.95 6.47 -33.96
CA PHE B 461 6.70 7.07 -33.52
C PHE B 461 6.01 5.96 -32.77
N VAL B 462 5.49 6.29 -31.59
CA VAL B 462 4.82 5.34 -30.71
C VAL B 462 3.45 4.86 -31.22
N SER B 463 3.33 3.56 -31.50
CA SER B 463 2.09 2.98 -32.05
C SER B 463 1.27 2.08 -31.13
N ASN B 464 -0.05 2.22 -31.21
CA ASN B 464 -0.93 1.38 -30.41
C ASN B 464 -1.93 0.66 -31.34
N SER B 465 -1.53 0.46 -32.60
CA SER B 465 -2.37 -0.19 -33.61
C SER B 465 -2.01 -1.65 -33.71
N ASN B 466 -2.81 -2.39 -34.47
CA ASN B 466 -2.58 -3.83 -34.71
C ASN B 466 -1.60 -3.95 -35.88
N TYR B 467 -0.87 -5.05 -35.94
CA TYR B 467 0.06 -5.22 -37.03
C TYR B 467 -0.78 -5.40 -38.33
N ALA B 468 -0.30 -4.85 -39.45
CA ALA B 468 -0.99 -4.93 -40.75
C ALA B 468 -2.06 -3.85 -41.02
N ALA B 469 -2.19 -2.92 -40.08
CA ALA B 469 -3.10 -1.79 -40.21
C ALA B 469 -2.25 -0.54 -39.97
N ASP B 470 -1.00 -0.73 -39.49
CA ASP B 470 -0.07 0.38 -39.23
C ASP B 470 0.56 0.84 -40.53
N LYS B 471 0.11 1.98 -41.05
CA LYS B 471 0.62 2.53 -42.31
C LYS B 471 2.02 3.18 -42.15
N GLY B 472 2.29 3.65 -40.93
CA GLY B 472 3.56 4.28 -40.61
C GLY B 472 4.65 3.31 -40.17
N ALA B 473 4.28 2.08 -39.89
CA ALA B 473 5.24 1.09 -39.44
C ALA B 473 6.43 0.80 -40.37
N PRO B 474 6.21 0.84 -41.69
CA PRO B 474 7.33 0.58 -42.61
C PRO B 474 8.50 1.60 -42.64
N TYR B 475 8.30 2.78 -42.08
CA TYR B 475 9.33 3.81 -42.08
C TYR B 475 10.24 3.93 -40.86
N VAL B 476 9.72 3.66 -39.67
CA VAL B 476 10.49 3.78 -38.42
C VAL B 476 11.75 2.91 -38.48
N ASP B 477 12.61 3.00 -37.48
CA ASP B 477 13.83 2.15 -37.50
C ASP B 477 13.83 1.15 -36.37
N VAL B 478 12.96 1.40 -35.40
CA VAL B 478 12.75 0.58 -34.21
C VAL B 478 11.26 0.79 -33.95
N ILE B 479 10.54 -0.28 -33.66
CA ILE B 479 9.10 -0.16 -33.39
C ILE B 479 8.79 0.07 -31.90
N CYS B 480 7.81 0.92 -31.63
CA CYS B 480 7.40 1.24 -30.26
C CYS B 480 5.96 0.81 -30.16
N LEU B 481 5.74 -0.26 -29.37
CA LEU B 481 4.41 -0.88 -29.18
C LEU B 481 3.77 -0.55 -27.82
N ASN B 482 2.55 -0.03 -27.86
CA ASN B 482 1.80 0.31 -26.64
C ASN B 482 0.67 -0.66 -26.32
N SER B 483 1.01 -1.72 -25.58
CA SER B 483 0.05 -2.73 -25.18
C SER B 483 -0.37 -2.57 -23.71
N TYR B 484 -1.65 -2.83 -23.44
CA TYR B 484 -2.22 -2.77 -22.11
C TYR B 484 -3.09 -4.00 -21.84
N TYR B 485 -2.62 -5.20 -22.13
CA TYR B 485 -3.43 -6.41 -21.87
C TYR B 485 -3.91 -6.52 -20.39
N SER B 486 -5.13 -7.05 -20.19
CA SER B 486 -5.77 -7.17 -18.86
C SER B 486 -6.43 -5.87 -18.52
N TRP B 487 -5.77 -4.78 -18.92
CA TRP B 487 -6.26 -3.42 -18.75
C TRP B 487 -6.86 -3.09 -20.13
N TYR B 488 -7.76 -2.14 -20.21
CA TYR B 488 -8.31 -1.79 -21.51
C TYR B 488 -9.12 -2.91 -22.16
N HIS B 489 -8.72 -4.17 -21.96
CA HIS B 489 -9.42 -5.29 -22.52
C HIS B 489 -9.21 -6.58 -21.78
N ASP B 490 -10.29 -7.35 -21.68
CA ASP B 490 -10.33 -8.63 -21.00
C ASP B 490 -10.03 -8.33 -19.57
N TYR B 491 -10.68 -7.29 -19.07
CA TYR B 491 -10.50 -6.79 -17.71
C TYR B 491 -10.21 -7.81 -16.60
N GLY B 492 -9.03 -7.66 -16.01
CA GLY B 492 -8.54 -8.49 -14.91
C GLY B 492 -7.95 -9.85 -15.25
N HIS B 493 -7.67 -10.10 -16.52
CA HIS B 493 -7.16 -11.39 -16.94
C HIS B 493 -5.68 -11.52 -17.08
N LEU B 494 -5.03 -11.61 -15.93
CA LEU B 494 -3.58 -11.75 -15.90
C LEU B 494 -3.06 -12.92 -16.74
N GLU B 495 -3.70 -14.09 -16.59
CA GLU B 495 -3.37 -15.31 -17.31
C GLU B 495 -3.37 -15.22 -18.84
N LEU B 496 -3.91 -14.13 -19.36
CA LEU B 496 -4.00 -13.89 -20.79
C LEU B 496 -2.79 -13.15 -21.37
N ILE B 497 -2.24 -12.21 -20.58
CA ILE B 497 -1.09 -11.35 -20.93
C ILE B 497 0.08 -12.09 -21.59
N GLN B 498 0.76 -12.91 -20.82
CA GLN B 498 1.91 -13.64 -21.29
C GLN B 498 1.85 -14.18 -22.70
N LEU B 499 0.64 -14.46 -23.16
CA LEU B 499 0.46 -14.97 -24.50
C LEU B 499 0.10 -13.88 -25.51
N GLN B 500 -0.97 -13.13 -25.23
CA GLN B 500 -1.36 -12.07 -26.16
C GLN B 500 -0.18 -11.21 -26.55
N LEU B 501 0.84 -11.18 -25.69
CA LEU B 501 2.06 -10.38 -25.87
C LEU B 501 3.10 -11.10 -26.71
N ALA B 502 3.25 -12.40 -26.51
CA ALA B 502 4.20 -13.20 -27.30
C ALA B 502 3.81 -13.00 -28.76
N THR B 503 2.57 -13.38 -29.04
CA THR B 503 1.96 -13.22 -30.34
C THR B 503 2.23 -11.81 -30.92
N GLN B 504 2.03 -10.75 -30.13
CA GLN B 504 2.27 -9.38 -30.62
C GLN B 504 3.72 -9.10 -30.91
N PHE B 505 4.63 -9.90 -30.38
CA PHE B 505 6.01 -9.66 -30.75
C PHE B 505 6.37 -10.63 -31.89
N GLU B 506 5.60 -11.70 -32.02
CA GLU B 506 5.82 -12.71 -33.08
C GLU B 506 5.51 -12.04 -34.41
N ASN B 507 4.31 -11.51 -34.45
CA ASN B 507 3.75 -10.85 -35.59
C ASN B 507 4.57 -9.67 -36.10
N TRP B 508 4.49 -8.54 -35.41
CA TRP B 508 5.22 -7.35 -35.80
C TRP B 508 6.57 -7.67 -36.46
N TYR B 509 7.34 -8.58 -35.87
CA TYR B 509 8.65 -8.96 -36.39
C TYR B 509 8.58 -9.75 -37.68
N LYS B 510 7.69 -10.75 -37.73
CA LYS B 510 7.51 -11.60 -38.91
C LYS B 510 7.28 -10.74 -40.16
N LYS B 511 7.01 -9.46 -39.96
CA LYS B 511 6.81 -8.59 -41.11
C LYS B 511 7.73 -7.40 -41.19
N TYR B 512 7.88 -6.65 -40.10
CA TYR B 512 8.76 -5.50 -40.14
C TYR B 512 10.25 -5.79 -39.96
N GLN B 513 10.60 -6.94 -39.38
CA GLN B 513 12.01 -7.31 -39.23
C GLN B 513 12.88 -6.25 -38.56
N LYS B 514 12.30 -5.40 -37.71
CA LYS B 514 13.09 -4.37 -37.04
C LYS B 514 13.10 -4.65 -35.51
N PRO B 515 13.98 -3.96 -34.76
CA PRO B 515 14.01 -4.19 -33.31
C PRO B 515 12.83 -3.41 -32.62
N ILE B 516 12.30 -4.00 -31.56
CA ILE B 516 11.17 -3.45 -30.83
C ILE B 516 11.53 -2.82 -29.47
N ILE B 517 10.61 -1.96 -29.00
CA ILE B 517 10.65 -1.24 -27.72
C ILE B 517 9.26 -1.20 -27.13
N GLN B 518 9.06 -1.88 -26.01
CA GLN B 518 7.77 -1.84 -25.33
C GLN B 518 7.80 -0.48 -24.66
N SER B 519 7.20 0.50 -25.32
CA SER B 519 7.17 1.87 -24.85
C SER B 519 6.16 2.20 -23.76
N GLU B 520 5.09 1.42 -23.61
CA GLU B 520 4.07 1.67 -22.57
C GLU B 520 3.38 0.44 -22.08
N TYR B 521 3.16 0.40 -20.77
CA TYR B 521 2.44 -0.67 -20.08
C TYR B 521 2.19 -0.42 -18.59
N GLY B 522 1.34 -1.25 -17.99
CA GLY B 522 1.00 -1.12 -16.59
C GLY B 522 -0.50 -1.20 -16.30
N ALA B 523 -0.87 -0.66 -15.15
CA ALA B 523 -2.24 -0.66 -14.67
C ALA B 523 -2.48 0.52 -13.75
N GLU B 524 -3.69 1.02 -13.80
CA GLU B 524 -4.05 2.13 -12.96
C GLU B 524 -4.08 1.62 -11.52
N THR B 525 -3.65 2.45 -10.58
CA THR B 525 -3.63 2.02 -9.19
C THR B 525 -3.81 3.12 -8.17
N ILE B 526 -4.76 2.91 -7.24
CA ILE B 526 -5.02 3.82 -6.14
C ILE B 526 -4.23 3.26 -4.96
N ALA B 527 -3.31 4.09 -4.46
CA ALA B 527 -2.40 3.73 -3.36
C ALA B 527 -2.84 2.90 -2.12
N GLY B 528 -3.83 3.31 -1.38
CA GLY B 528 -4.14 2.49 -0.22
C GLY B 528 -4.84 1.14 -0.44
N PHE B 529 -5.18 0.90 -1.70
CA PHE B 529 -5.94 -0.28 -2.10
C PHE B 529 -5.16 -1.57 -2.13
N HIS B 530 -5.73 -2.59 -1.51
CA HIS B 530 -5.13 -3.91 -1.44
C HIS B 530 -6.23 -4.94 -1.50
N GLN B 531 -5.89 -6.08 -2.10
CA GLN B 531 -6.89 -7.11 -2.28
C GLN B 531 -6.14 -8.31 -2.75
N ASP B 532 -6.51 -9.50 -2.27
CA ASP B 532 -5.84 -10.68 -2.79
C ASP B 532 -6.49 -10.93 -4.18
N PRO B 533 -6.47 -12.17 -4.77
CA PRO B 533 -7.05 -12.23 -6.13
C PRO B 533 -6.87 -10.88 -6.87
N PRO B 534 -5.69 -10.26 -6.64
CA PRO B 534 -5.21 -8.99 -7.17
C PRO B 534 -6.33 -7.93 -7.27
N LEU B 535 -7.20 -8.03 -8.28
CA LEU B 535 -8.30 -7.08 -8.45
C LEU B 535 -7.82 -5.69 -8.89
N MET B 536 -8.72 -4.98 -9.56
CA MET B 536 -8.59 -3.62 -10.14
C MET B 536 -7.46 -2.63 -9.81
N PHE B 537 -7.81 -1.41 -9.38
CA PHE B 537 -6.83 -0.40 -9.03
C PHE B 537 -6.18 -0.76 -7.68
N THR B 538 -5.63 -1.95 -7.60
CA THR B 538 -5.04 -2.47 -6.39
C THR B 538 -3.54 -2.65 -6.56
N GLU B 539 -2.78 -2.24 -5.55
CA GLU B 539 -1.32 -2.32 -5.53
C GLU B 539 -0.88 -3.71 -5.98
N GLU B 540 -1.52 -4.73 -5.42
CA GLU B 540 -1.21 -6.09 -5.75
C GLU B 540 -1.45 -6.43 -7.19
N TYR B 541 -2.55 -5.96 -7.74
CA TYR B 541 -2.85 -6.24 -9.15
C TYR B 541 -1.71 -5.79 -10.04
N GLN B 542 -1.16 -4.62 -9.72
CA GLN B 542 -0.06 -4.04 -10.48
C GLN B 542 1.12 -4.97 -10.39
N LYS B 543 1.38 -5.49 -9.21
CA LYS B 543 2.48 -6.42 -9.03
C LYS B 543 2.28 -7.69 -9.89
N SER B 544 1.02 -8.11 -10.05
CA SER B 544 0.70 -9.28 -10.87
C SER B 544 0.75 -9.00 -12.38
N LEU B 545 0.28 -7.83 -12.80
CA LEU B 545 0.30 -7.43 -14.21
C LEU B 545 1.76 -7.22 -14.65
N LEU B 546 2.42 -6.25 -14.01
CA LEU B 546 3.82 -5.93 -14.27
C LEU B 546 4.62 -7.21 -14.40
N GLU B 547 4.45 -8.13 -13.45
CA GLU B 547 5.17 -9.39 -13.44
C GLU B 547 5.01 -10.26 -14.71
N GLN B 548 3.77 -10.36 -15.20
CA GLN B 548 3.45 -11.14 -16.37
C GLN B 548 4.08 -10.48 -17.59
N TYR B 549 4.03 -9.15 -17.66
CA TYR B 549 4.65 -8.40 -18.76
C TYR B 549 6.16 -8.67 -18.78
N HIS B 550 6.77 -8.68 -17.59
CA HIS B 550 8.21 -8.97 -17.44
C HIS B 550 8.51 -10.43 -17.83
N LEU B 551 7.65 -11.36 -17.43
CA LEU B 551 7.83 -12.78 -17.73
C LEU B 551 7.83 -12.98 -19.24
N GLY B 552 7.09 -12.11 -19.92
CA GLY B 552 6.98 -12.10 -21.37
C GLY B 552 8.15 -11.42 -22.06
N LEU B 553 8.36 -10.13 -21.82
CA LEU B 553 9.49 -9.43 -22.44
C LEU B 553 10.79 -10.24 -22.35
N ASP B 554 11.00 -10.93 -21.23
CA ASP B 554 12.18 -11.78 -20.98
C ASP B 554 12.43 -12.82 -22.08
N GLN B 555 11.34 -13.23 -22.72
CA GLN B 555 11.36 -14.19 -23.82
C GLN B 555 11.91 -13.54 -25.08
N LYS B 556 11.61 -12.27 -25.26
CA LYS B 556 12.08 -11.56 -26.41
C LYS B 556 13.37 -10.82 -26.15
N ARG B 557 13.75 -10.66 -24.87
CA ARG B 557 15.02 -9.98 -24.54
C ARG B 557 16.14 -10.88 -25.00
N ARG B 558 17.27 -10.27 -25.36
CA ARG B 558 18.45 -10.97 -25.89
C ARG B 558 18.16 -11.38 -27.34
N LYS B 559 16.88 -11.55 -27.67
CA LYS B 559 16.38 -11.90 -28.99
C LYS B 559 16.40 -10.65 -29.87
N TYR B 560 15.33 -9.85 -29.81
CA TYR B 560 15.23 -8.66 -30.66
C TYR B 560 14.47 -7.45 -30.13
N VAL B 561 14.03 -7.52 -28.88
CA VAL B 561 13.35 -6.42 -28.22
C VAL B 561 14.52 -5.74 -27.52
N VAL B 562 14.61 -4.41 -27.60
CA VAL B 562 15.76 -3.70 -27.02
C VAL B 562 15.44 -2.67 -25.92
N GLY B 563 14.31 -2.85 -25.25
CA GLY B 563 13.96 -1.90 -24.22
C GLY B 563 12.54 -2.06 -23.75
N GLU B 564 12.27 -1.54 -22.57
CA GLU B 564 10.95 -1.60 -21.95
C GLU B 564 10.74 -0.29 -21.21
N LEU B 565 9.50 0.17 -21.18
CA LEU B 565 9.18 1.43 -20.52
C LEU B 565 7.86 1.38 -19.74
N ILE B 566 7.93 1.00 -18.47
CA ILE B 566 6.74 0.97 -17.60
C ILE B 566 6.12 2.34 -17.83
N TRP B 567 4.82 2.38 -18.07
CA TRP B 567 4.15 3.63 -18.40
C TRP B 567 4.68 4.78 -17.65
N ASN B 568 4.08 5.09 -16.51
CA ASN B 568 4.56 6.24 -15.78
C ASN B 568 5.45 6.08 -14.60
N PHE B 569 6.15 7.17 -14.34
CA PHE B 569 7.06 7.27 -13.21
C PHE B 569 6.17 7.56 -12.00
N ALA B 570 5.19 8.42 -12.21
CA ALA B 570 4.29 8.82 -11.16
C ALA B 570 2.91 9.09 -11.74
N ASP B 571 1.95 9.32 -10.83
CA ASP B 571 0.58 9.66 -11.18
C ASP B 571 0.69 11.08 -11.69
N PHE B 572 -0.27 11.52 -12.51
CA PHE B 572 -0.29 12.89 -13.03
C PHE B 572 -1.72 13.23 -13.31
N MET B 573 -2.05 14.51 -13.30
CA MET B 573 -3.42 14.94 -13.55
C MET B 573 -3.90 14.68 -15.01
N THR B 574 -5.20 14.45 -15.15
CA THR B 574 -5.79 14.20 -16.47
C THR B 574 -7.01 15.11 -16.54
N GLU B 575 -7.64 15.14 -17.71
CA GLU B 575 -8.87 15.92 -17.85
C GLU B 575 -9.86 15.02 -17.08
N GLN B 576 -11.12 15.44 -16.92
CA GLN B 576 -12.08 14.62 -16.16
C GLN B 576 -12.89 13.57 -16.92
N SER B 577 -12.85 12.33 -16.43
CA SER B 577 -13.55 11.18 -16.99
C SER B 577 -13.80 10.08 -15.89
N PRO B 578 -14.99 9.43 -15.93
CA PRO B 578 -15.34 8.38 -14.96
C PRO B 578 -14.29 7.24 -14.96
N THR B 579 -13.44 7.23 -15.96
CA THR B 579 -12.37 6.25 -16.11
C THR B 579 -11.08 6.73 -15.37
N ARG B 580 -10.96 8.05 -15.21
CA ARG B 580 -9.82 8.73 -14.57
C ARG B 580 -10.15 9.22 -13.17
N VAL B 581 -9.42 8.66 -12.19
CA VAL B 581 -9.68 9.00 -10.80
C VAL B 581 -9.35 10.44 -10.41
N LEU B 582 -8.09 10.82 -10.39
CA LEU B 582 -7.74 12.23 -10.11
C LEU B 582 -6.50 12.40 -10.98
N GLY B 583 -6.70 12.04 -12.25
CA GLY B 583 -5.67 12.06 -13.26
C GLY B 583 -5.34 10.61 -13.49
N ASN B 584 -4.24 10.35 -14.17
CA ASN B 584 -3.84 9.00 -14.39
C ASN B 584 -3.23 8.51 -13.07
N LYS B 585 -3.38 7.22 -12.78
CA LYS B 585 -2.90 6.64 -11.53
C LYS B 585 -1.92 5.54 -11.83
N LYS B 586 -1.71 5.29 -13.11
CA LYS B 586 -0.84 4.21 -13.51
C LYS B 586 0.61 4.29 -13.06
N GLY B 587 0.98 5.42 -12.43
CA GLY B 587 2.35 5.68 -11.99
C GLY B 587 2.88 4.85 -10.85
N ILE B 588 4.16 4.47 -10.91
CA ILE B 588 4.77 3.64 -9.87
C ILE B 588 5.26 4.36 -8.63
N PHE B 589 5.11 5.69 -8.65
CA PHE B 589 5.44 6.60 -7.54
C PHE B 589 4.24 7.48 -7.49
N THR B 590 3.83 7.91 -6.32
CA THR B 590 2.67 8.76 -6.25
C THR B 590 3.01 10.11 -6.90
N ARG B 591 2.00 10.95 -7.17
CA ARG B 591 2.27 12.27 -7.73
C ARG B 591 3.31 12.91 -6.75
N GLN B 592 3.10 12.73 -5.45
CA GLN B 592 4.02 13.26 -4.40
C GLN B 592 5.38 12.52 -4.23
N ARG B 593 5.83 11.85 -5.29
CA ARG B 593 7.10 11.07 -5.35
C ARG B 593 7.40 9.89 -4.43
N GLN B 594 6.39 9.36 -3.74
CA GLN B 594 6.61 8.21 -2.86
C GLN B 594 6.36 6.89 -3.53
N PRO B 595 7.15 5.88 -3.20
CA PRO B 595 7.01 4.54 -3.77
C PRO B 595 5.62 3.95 -3.52
N LYS B 596 5.26 2.96 -4.34
CA LYS B 596 4.05 2.16 -4.18
C LYS B 596 4.72 0.79 -4.02
N SER B 597 4.00 -0.28 -3.80
CA SER B 597 4.70 -1.57 -3.64
C SER B 597 5.56 -2.03 -4.85
N ALA B 598 5.00 -1.90 -6.06
CA ALA B 598 5.61 -2.29 -7.32
C ALA B 598 6.86 -1.48 -7.67
N ALA B 599 6.92 -0.24 -7.18
CA ALA B 599 8.06 0.64 -7.39
C ALA B 599 9.23 -0.16 -6.91
N PHE B 600 8.99 -1.01 -5.93
CA PHE B 600 10.05 -1.84 -5.38
C PHE B 600 10.30 -3.07 -6.28
N LEU B 601 9.23 -3.65 -6.80
CA LEU B 601 9.32 -4.83 -7.66
C LEU B 601 9.97 -4.55 -9.01
N LEU B 602 9.86 -3.30 -9.47
CA LEU B 602 10.44 -2.87 -10.76
C LEU B 602 11.96 -2.74 -10.62
N ARG B 603 12.38 -2.05 -9.56
CA ARG B 603 13.79 -1.85 -9.33
C ARG B 603 14.61 -3.11 -9.11
N GLU B 604 14.00 -4.18 -8.60
CA GLU B 604 14.77 -5.42 -8.48
C GLU B 604 15.01 -5.92 -9.93
N ARG B 605 14.04 -5.68 -10.80
CA ARG B 605 14.14 -6.05 -12.20
C ARG B 605 15.30 -5.30 -12.82
N TYR B 606 15.26 -3.98 -12.73
CA TYR B 606 16.28 -3.10 -13.28
C TYR B 606 17.74 -3.37 -12.89
N TRP B 607 18.03 -3.55 -11.61
CA TRP B 607 19.38 -3.82 -11.19
C TRP B 607 19.74 -5.25 -11.64
N LYS B 608 18.76 -6.15 -11.69
CA LYS B 608 19.01 -7.54 -12.08
C LYS B 608 19.51 -7.53 -13.49
N ILE B 609 18.71 -6.94 -14.37
CA ILE B 609 19.00 -6.84 -15.80
C ILE B 609 20.32 -6.14 -16.03
N ALA B 610 20.48 -5.00 -15.37
CA ALA B 610 21.69 -4.20 -15.48
C ALA B 610 22.90 -4.97 -15.01
N ASN B 611 22.68 -6.07 -14.30
CA ASN B 611 23.81 -6.86 -13.84
C ASN B 611 24.20 -8.03 -14.69
N GLU B 612 23.46 -8.27 -15.78
CA GLU B 612 23.79 -9.38 -16.65
C GLU B 612 24.50 -8.84 -17.91
#